data_9IUO
#
_entry.id   9IUO
#
_cell.length_a   64.997
_cell.length_b   200.275
_cell.length_c   239.040
_cell.angle_alpha   90.00
_cell.angle_beta   90.00
_cell.angle_gamma   90.00
#
_symmetry.space_group_name_H-M   'C 2 2 21'
#
loop_
_entity.id
_entity.type
_entity.pdbx_description
1 polymer 'C-1-tetrahydrofolate synthase, cytoplasmic, N-terminally processed'
2 non-polymer '(2~{S})-2-[[4-[[2,4-bis(azanyl)-6-oxidanylidene-1~{H}-pyrimidin-5-yl]carbamoylamino]-3-methyl-phenyl]carbonylamino]pentanedioic acid'
3 non-polymer 'NADP NICOTINAMIDE-ADENINE-DINUCLEOTIDE PHOSPHATE'
4 water water
#
_entity_poly.entity_id   1
_entity_poly.type   'polypeptide(L)'
_entity_poly.pdbx_seq_one_letter_code
;APAEILNGKEISAQIRARLKNQVTQLKEQVPGFTPRLAILQVGNRDDSNLYINVKLKAAEEIGIKATHIKLPRTTTESEV
MKYITSLNEDSTVHGFLVQLPLDSENSINTEEVINAIAPEKDVDGLTSINAGRLARGDLNDCFIPCTPKGCLELIKETGV
PIAGRHAVVVGRSKIVGAPMHDLLLWNNATVTTCHSKTAHLDEEVNKGDILVVATGQPEMVKGEWIKPGAIVIDCGINYV
PDDKKPNGRKVVGDVAYDEAKERASFITPVPGGVGPMTVAMLMQSTVESAKRFLEKFKPGLEHHHHHH
;
_entity_poly.pdbx_strand_id   A,B,C,D
#
# COMPACT_ATOMS: atom_id res chain seq x y z
N PRO A 2 -16.44 25.60 -13.08
CA PRO A 2 -15.05 25.79 -13.51
C PRO A 2 -14.05 25.87 -12.34
N ALA A 3 -12.76 25.89 -12.69
CA ALA A 3 -11.68 25.78 -11.73
C ALA A 3 -11.45 27.08 -10.96
N GLU A 4 -11.01 26.94 -9.72
CA GLU A 4 -10.41 28.06 -9.01
C GLU A 4 -9.06 28.39 -9.61
N ILE A 5 -8.75 29.67 -9.70
CA ILE A 5 -7.51 30.13 -10.30
C ILE A 5 -6.44 30.12 -9.21
N LEU A 6 -5.31 29.46 -9.48
CA LEU A 6 -4.16 29.51 -8.58
C LEU A 6 -3.41 30.79 -8.92
N ASN A 7 -3.56 31.82 -8.09
CA ASN A 7 -3.08 33.14 -8.49
C ASN A 7 -1.64 33.32 -8.01
N GLY A 8 -0.66 33.08 -8.88
CA GLY A 8 0.74 33.16 -8.45
C GLY A 8 1.19 34.55 -8.00
N LYS A 9 0.62 35.60 -8.61
CA LYS A 9 0.94 36.99 -8.22
C LYS A 9 0.63 37.19 -6.75
N GLU A 10 -0.55 36.77 -6.32
CA GLU A 10 -0.96 36.99 -4.91
C GLU A 10 -0.10 36.13 -3.98
N ILE A 11 0.09 34.86 -4.35
CA ILE A 11 0.84 33.97 -3.48
C ILE A 11 2.30 34.38 -3.43
N SER A 12 2.90 34.73 -4.58
CA SER A 12 4.31 35.14 -4.55
C SER A 12 4.49 36.38 -3.66
N ALA A 13 3.58 37.36 -3.80
CA ALA A 13 3.64 38.58 -2.96
C ALA A 13 3.64 38.26 -1.48
N GLN A 14 2.88 37.25 -1.05
CA GLN A 14 2.89 36.83 0.36
C GLN A 14 4.25 36.26 0.75
N ILE A 15 4.84 35.45 -0.13
CA ILE A 15 6.13 34.86 0.24
C ILE A 15 7.22 35.93 0.31
N ARG A 16 7.21 36.89 -0.62
CA ARG A 16 8.25 37.94 -0.58
C ARG A 16 8.15 38.76 0.69
N ALA A 17 6.92 39.09 1.12
CA ALA A 17 6.73 39.87 2.33
C ALA A 17 7.28 39.13 3.55
N ARG A 18 6.95 37.85 3.68
CA ARG A 18 7.50 37.06 4.78
C ARG A 18 9.02 37.00 4.70
N LEU A 19 9.56 36.90 3.49
CA LEU A 19 11.01 36.93 3.34
C LEU A 19 11.58 38.27 3.78
N LYS A 20 10.94 39.36 3.34
CA LYS A 20 11.38 40.69 3.74
C LYS A 20 11.47 40.81 5.25
N ASN A 21 10.40 40.40 5.95
CA ASN A 21 10.42 40.47 7.42
C ASN A 21 11.47 39.55 8.01
N GLN A 22 11.70 38.41 7.38
CA GLN A 22 12.76 37.52 7.82
C GLN A 22 14.13 38.19 7.72
N VAL A 23 14.40 38.83 6.59
CA VAL A 23 15.67 39.54 6.43
C VAL A 23 15.81 40.65 7.46
N THR A 24 14.73 41.42 7.66
CA THR A 24 14.77 42.51 8.63
C THR A 24 15.15 42.01 10.02
N GLN A 25 14.57 40.88 10.46
CA GLN A 25 14.88 40.37 11.79
C GLN A 25 16.33 39.86 11.87
N LEU A 26 16.80 39.16 10.84
CA LEU A 26 18.22 38.77 10.79
C LEU A 26 19.12 39.99 10.92
N LYS A 27 18.81 41.03 10.14
CA LYS A 27 19.64 42.24 10.16
C LYS A 27 19.57 42.93 11.52
N GLU A 28 18.40 42.89 12.18
CA GLU A 28 18.32 43.35 13.57
C GLU A 28 19.16 42.49 14.49
N GLN A 29 19.09 41.16 14.32
CA GLN A 29 19.83 40.26 15.20
C GLN A 29 21.34 40.31 14.92
N VAL A 30 21.72 40.47 13.65
CA VAL A 30 23.12 40.49 13.25
C VAL A 30 23.36 41.76 12.45
N PRO A 31 23.64 42.89 13.09
CA PRO A 31 23.73 44.17 12.36
C PRO A 31 24.80 44.14 11.28
N GLY A 32 24.50 44.78 10.14
CA GLY A 32 25.39 44.82 9.01
C GLY A 32 25.21 43.69 8.03
N PHE A 33 24.76 42.52 8.50
CA PHE A 33 24.66 41.33 7.66
C PHE A 33 23.49 41.41 6.70
N THR A 34 23.66 40.83 5.50
CA THR A 34 22.62 40.91 4.50
C THR A 34 22.81 39.82 3.47
N PRO A 35 21.73 39.17 3.00
CA PRO A 35 21.89 38.08 2.02
C PRO A 35 22.33 38.63 0.66
N ARG A 36 23.27 37.93 0.04
CA ARG A 36 23.91 38.42 -1.17
C ARG A 36 23.80 37.36 -2.26
N LEU A 37 23.16 37.73 -3.36
CA LEU A 37 22.97 36.91 -4.55
C LEU A 37 23.78 37.46 -5.71
N ALA A 38 24.28 36.56 -6.57
CA ALA A 38 24.93 36.95 -7.81
C ALA A 38 24.33 36.16 -8.97
N ILE A 39 24.06 36.86 -10.07
CA ILE A 39 23.52 36.25 -11.29
C ILE A 39 24.52 36.45 -12.43
N LEU A 40 24.94 35.35 -13.03
CA LEU A 40 25.88 35.38 -14.14
C LEU A 40 25.11 35.10 -15.40
N GLN A 41 25.38 35.87 -16.46
CA GLN A 41 24.75 35.70 -17.75
C GLN A 41 25.82 35.68 -18.84
N VAL A 42 25.59 34.87 -19.87
CA VAL A 42 26.47 34.80 -21.04
C VAL A 42 25.62 35.15 -22.24
N GLY A 43 26.01 36.20 -22.95
CA GLY A 43 25.26 36.66 -24.09
C GLY A 43 24.29 37.76 -23.71
N ASN A 44 23.37 38.03 -24.65
CA ASN A 44 22.46 39.16 -24.55
C ASN A 44 21.06 38.76 -25.02
N ARG A 45 20.60 37.58 -24.62
CA ARG A 45 19.25 37.13 -24.95
C ARG A 45 18.22 38.04 -24.28
N ASP A 46 17.19 38.41 -25.04
CA ASP A 46 16.15 39.30 -24.50
C ASP A 46 15.39 38.65 -23.36
N ASP A 47 14.94 37.39 -23.55
CA ASP A 47 14.17 36.75 -22.49
C ASP A 47 15.00 36.59 -21.22
N SER A 48 16.27 36.18 -21.33
CA SER A 48 17.12 36.14 -20.14
C SER A 48 17.22 37.53 -19.51
N ASN A 49 17.41 38.57 -20.33
CA ASN A 49 17.43 39.93 -19.80
C ASN A 49 16.15 40.22 -19.02
N LEU A 50 15.01 39.88 -19.61
CA LEU A 50 13.74 40.06 -18.90
C LEU A 50 13.73 39.31 -17.56
N TYR A 51 14.04 38.00 -17.58
CA TYR A 51 13.87 37.20 -16.37
C TYR A 51 14.84 37.63 -15.29
N ILE A 52 16.09 37.93 -15.65
CA ILE A 52 17.08 38.38 -14.67
C ILE A 52 16.64 39.71 -14.05
N ASN A 53 16.04 40.57 -14.85
CA ASN A 53 15.62 41.85 -14.29
C ASN A 53 14.51 41.65 -13.26
N VAL A 54 13.56 40.76 -13.54
CA VAL A 54 12.54 40.45 -12.55
C VAL A 54 13.17 39.92 -11.27
N LYS A 55 14.21 39.08 -11.40
CA LYS A 55 14.86 38.58 -10.18
C LYS A 55 15.55 39.71 -9.42
N LEU A 56 16.18 40.65 -10.14
CA LEU A 56 16.80 41.79 -9.47
C LEU A 56 15.76 42.62 -8.71
N LYS A 57 14.62 42.91 -9.34
CA LYS A 57 13.58 43.69 -8.70
C LYS A 57 13.08 43.00 -7.43
N ALA A 58 12.82 41.68 -7.51
CA ALA A 58 12.34 40.96 -6.33
C ALA A 58 13.35 40.99 -5.21
N ALA A 59 14.64 40.80 -5.52
CA ALA A 59 15.67 40.81 -4.47
C ALA A 59 15.75 42.18 -3.81
N GLU A 60 15.60 43.24 -4.60
CA GLU A 60 15.67 44.60 -4.07
C GLU A 60 14.51 44.85 -3.10
N GLU A 61 13.30 44.40 -3.49
CA GLU A 61 12.14 44.52 -2.62
C GLU A 61 12.36 43.80 -1.29
N ILE A 62 12.93 42.60 -1.32
CA ILE A 62 13.09 41.81 -0.10
C ILE A 62 14.23 42.30 0.76
N GLY A 63 15.21 42.99 0.19
CA GLY A 63 16.43 43.30 0.91
C GLY A 63 17.58 42.34 0.66
N ILE A 64 17.57 41.61 -0.47
CA ILE A 64 18.71 40.79 -0.86
C ILE A 64 19.60 41.64 -1.75
N LYS A 65 20.90 41.70 -1.43
CA LYS A 65 21.83 42.41 -2.30
C LYS A 65 22.16 41.54 -3.51
N ALA A 66 21.64 41.91 -4.69
CA ALA A 66 21.79 41.11 -5.90
C ALA A 66 22.67 41.84 -6.91
N THR A 67 23.78 41.19 -7.29
CA THR A 67 24.67 41.66 -8.35
C THR A 67 24.51 40.82 -9.61
N HIS A 68 24.59 41.50 -10.76
CA HIS A 68 24.37 40.92 -12.09
C HIS A 68 25.63 41.14 -12.93
N ILE A 69 26.24 40.05 -13.37
CA ILE A 69 27.48 40.09 -14.15
C ILE A 69 27.16 39.48 -15.50
N LYS A 70 27.27 40.29 -16.56
CA LYS A 70 26.90 39.86 -17.90
C LYS A 70 28.12 39.84 -18.80
N LEU A 71 28.39 38.70 -19.38
CA LEU A 71 29.52 38.48 -20.25
C LEU A 71 29.08 38.46 -21.71
N PRO A 72 29.97 38.85 -22.62
CA PRO A 72 29.60 38.93 -24.05
C PRO A 72 29.43 37.57 -24.70
N ARG A 73 28.75 37.58 -25.86
CA ARG A 73 28.52 36.37 -26.63
C ARG A 73 29.81 35.62 -26.96
N THR A 74 30.96 36.29 -26.92
CA THR A 74 32.19 35.69 -27.39
C THR A 74 33.08 35.20 -26.25
N THR A 75 32.57 35.08 -25.02
CA THR A 75 33.44 34.61 -23.95
C THR A 75 33.79 33.13 -24.13
N THR A 76 34.91 32.75 -23.54
CA THR A 76 35.36 31.37 -23.54
C THR A 76 34.89 30.68 -22.27
N GLU A 77 34.84 29.36 -22.34
CA GLU A 77 34.56 28.58 -21.14
C GLU A 77 35.56 28.90 -20.05
N SER A 78 36.84 29.09 -20.42
CA SER A 78 37.83 29.41 -19.41
C SER A 78 37.57 30.76 -18.76
N GLU A 79 36.98 31.70 -19.50
CA GLU A 79 36.59 32.97 -18.90
C GLU A 79 35.46 32.78 -17.90
N VAL A 80 34.43 32.02 -18.30
CA VAL A 80 33.29 31.74 -17.44
C VAL A 80 33.73 30.99 -16.19
N MET A 81 34.64 30.03 -16.36
CA MET A 81 35.15 29.28 -15.20
C MET A 81 35.87 30.18 -14.22
N LYS A 82 36.58 31.20 -14.71
CA LYS A 82 37.24 32.13 -13.81
C LYS A 82 36.22 32.88 -12.93
N TYR A 83 35.12 33.34 -13.52
CA TYR A 83 34.08 34.02 -12.74
C TYR A 83 33.43 33.08 -11.73
N ILE A 84 33.06 31.86 -12.15
CA ILE A 84 32.47 30.92 -11.22
C ILE A 84 33.39 30.67 -10.05
N THR A 85 34.68 30.46 -10.31
CA THR A 85 35.65 30.29 -9.22
C THR A 85 35.65 31.50 -8.29
N SER A 86 35.65 32.71 -8.86
CA SER A 86 35.69 33.90 -8.02
C SER A 86 34.45 33.98 -7.13
N LEU A 87 33.28 33.65 -7.69
CA LEU A 87 32.06 33.65 -6.89
C LEU A 87 32.09 32.56 -5.82
N ASN A 88 32.60 31.36 -6.17
CA ASN A 88 32.75 30.30 -5.17
C ASN A 88 33.56 30.78 -3.98
N GLU A 89 34.60 31.58 -4.25
CA GLU A 89 35.58 31.98 -3.26
C GLU A 89 35.21 33.23 -2.48
N ASP A 90 34.28 34.05 -2.98
CA ASP A 90 33.89 35.28 -2.27
C ASP A 90 32.97 34.92 -1.12
N SER A 91 33.48 35.04 0.11
CA SER A 91 32.73 34.67 1.30
C SER A 91 31.53 35.58 1.58
N THR A 92 31.43 36.70 0.89
CA THR A 92 30.29 37.59 1.06
C THR A 92 29.16 37.26 0.11
N VAL A 93 29.35 36.29 -0.76
CA VAL A 93 28.32 35.86 -1.70
C VAL A 93 27.72 34.57 -1.17
N HIS A 94 26.40 34.55 -0.97
CA HIS A 94 25.78 33.39 -0.37
C HIS A 94 25.20 32.43 -1.39
N GLY A 95 24.67 32.93 -2.51
CA GLY A 95 24.27 32.05 -3.58
C GLY A 95 24.47 32.71 -4.92
N PHE A 96 24.63 31.89 -5.95
CA PHE A 96 24.65 32.46 -7.29
C PHE A 96 24.18 31.42 -8.28
N LEU A 97 23.72 31.93 -9.41
CA LEU A 97 23.22 31.11 -10.48
C LEU A 97 23.75 31.62 -11.80
N VAL A 98 23.71 30.75 -12.80
CA VAL A 98 24.04 31.06 -14.17
C VAL A 98 22.76 30.96 -14.96
N GLN A 99 22.28 32.09 -15.46
CA GLN A 99 21.04 32.08 -16.23
C GLN A 99 21.25 31.22 -17.47
N LEU A 100 20.28 30.35 -17.74
CA LEU A 100 20.39 29.44 -18.86
C LEU A 100 19.35 29.79 -19.93
N PRO A 101 19.58 29.44 -21.19
CA PRO A 101 20.80 28.81 -21.75
C PRO A 101 21.93 29.83 -21.87
N LEU A 102 23.18 29.38 -21.93
CA LEU A 102 24.26 30.27 -22.31
C LEU A 102 24.06 30.71 -23.76
N ASP A 103 24.38 31.97 -24.05
CA ASP A 103 24.31 32.48 -25.42
C ASP A 103 25.75 32.80 -25.85
N SER A 104 26.34 31.91 -26.64
CA SER A 104 27.76 32.00 -26.95
C SER A 104 28.00 31.67 -28.41
N GLU A 105 28.97 32.37 -29.01
CA GLU A 105 29.48 31.96 -30.31
C GLU A 105 30.35 30.72 -30.19
N ASN A 106 31.18 30.66 -29.16
CA ASN A 106 31.95 29.46 -28.87
C ASN A 106 31.08 28.41 -28.19
N SER A 107 31.39 27.15 -28.47
CA SER A 107 30.70 26.06 -27.79
C SER A 107 31.25 25.95 -26.37
N ILE A 108 30.36 26.05 -25.39
CA ILE A 108 30.73 26.02 -23.98
C ILE A 108 29.98 24.88 -23.33
N ASN A 109 30.70 24.06 -22.56
CA ASN A 109 30.08 22.91 -21.90
C ASN A 109 29.22 23.42 -20.75
N THR A 110 27.90 23.49 -20.99
CA THR A 110 26.98 23.95 -19.95
C THR A 110 27.13 23.11 -18.69
N GLU A 111 27.25 21.79 -18.85
CA GLU A 111 27.32 20.90 -17.68
C GLU A 111 28.60 21.15 -16.89
N GLU A 112 29.73 21.38 -17.58
CA GLU A 112 30.97 21.70 -16.89
C GLU A 112 30.85 23.02 -16.13
N VAL A 113 30.22 24.01 -16.76
CA VAL A 113 30.07 25.32 -16.13
C VAL A 113 29.17 25.20 -14.89
N ILE A 114 27.98 24.62 -15.05
CA ILE A 114 27.03 24.49 -13.93
C ILE A 114 27.66 23.72 -12.77
N ASN A 115 28.40 22.67 -13.10
CA ASN A 115 28.90 21.78 -12.06
C ASN A 115 30.11 22.32 -11.32
N ALA A 116 30.64 23.48 -11.71
CA ALA A 116 31.73 24.06 -10.95
C ALA A 116 31.21 24.92 -9.80
N ILE A 117 29.90 25.16 -9.74
CA ILE A 117 29.33 25.95 -8.65
C ILE A 117 29.42 25.16 -7.36
N ALA A 118 29.90 25.81 -6.30
CA ALA A 118 29.86 25.18 -4.99
C ALA A 118 28.42 24.79 -4.66
N PRO A 119 28.16 23.54 -4.28
CA PRO A 119 26.77 23.11 -4.03
C PRO A 119 26.05 23.94 -2.99
N GLU A 120 26.78 24.45 -1.98
CA GLU A 120 26.21 25.29 -0.92
C GLU A 120 25.83 26.69 -1.39
N LYS A 121 26.23 27.11 -2.60
CA LYS A 121 25.78 28.35 -3.19
C LYS A 121 24.85 28.11 -4.37
N ASP A 122 24.62 26.86 -4.72
CA ASP A 122 23.85 26.49 -5.90
C ASP A 122 22.36 26.70 -5.60
N VAL A 123 21.96 27.98 -5.50
CA VAL A 123 20.59 28.30 -5.14
C VAL A 123 19.58 27.91 -6.21
N ASP A 124 20.03 27.75 -7.44
CA ASP A 124 19.16 27.25 -8.49
C ASP A 124 19.02 25.73 -8.50
N GLY A 125 19.76 25.02 -7.64
CA GLY A 125 19.72 23.57 -7.57
C GLY A 125 20.04 22.85 -8.85
N LEU A 126 21.03 23.32 -9.59
CA LEU A 126 21.32 22.72 -10.89
C LEU A 126 22.60 21.90 -10.91
N THR A 127 23.42 21.94 -9.85
CA THR A 127 24.59 21.07 -9.79
C THR A 127 24.14 19.61 -9.74
N SER A 128 24.97 18.72 -10.32
CA SER A 128 24.65 17.29 -10.24
C SER A 128 24.47 16.81 -8.81
N ILE A 129 25.27 17.35 -7.88
CA ILE A 129 25.19 16.99 -6.45
C ILE A 129 23.80 17.24 -5.89
N ASN A 130 23.27 18.45 -6.11
CA ASN A 130 21.95 18.79 -5.61
C ASN A 130 20.86 18.02 -6.36
N ALA A 131 21.04 17.78 -7.67
CA ALA A 131 20.06 16.98 -8.39
C ALA A 131 20.02 15.55 -7.88
N GLY A 132 21.17 14.97 -7.59
CA GLY A 132 21.22 13.59 -7.12
C GLY A 132 20.59 13.43 -5.74
N ARG A 133 20.77 14.43 -4.86
CA ARG A 133 20.10 14.44 -3.57
C ARG A 133 18.59 14.45 -3.74
N LEU A 134 18.08 15.33 -4.62
CA LEU A 134 16.65 15.40 -4.84
C LEU A 134 16.12 14.12 -5.48
N ALA A 135 16.82 13.63 -6.49
CA ALA A 135 16.37 12.46 -7.23
C ALA A 135 16.28 11.21 -6.35
N ARG A 136 16.95 11.19 -5.22
CA ARG A 136 16.94 10.01 -4.37
C ARG A 136 16.25 10.28 -3.04
N GLY A 137 15.54 11.39 -2.90
CA GLY A 137 14.71 11.64 -1.73
C GLY A 137 15.43 12.20 -0.54
N ASP A 138 16.70 12.56 -0.67
CA ASP A 138 17.48 13.18 0.40
C ASP A 138 17.26 14.68 0.41
N LEU A 139 16.02 15.06 0.70
CA LEU A 139 15.53 16.41 0.45
C LEU A 139 15.97 17.44 1.48
N ASN A 140 16.59 17.03 2.57
CA ASN A 140 16.91 17.98 3.63
C ASN A 140 18.29 18.59 3.47
N ASP A 141 19.03 18.21 2.44
CA ASP A 141 20.38 18.71 2.28
C ASP A 141 20.59 19.49 0.99
N CYS A 142 19.55 19.69 0.18
CA CYS A 142 19.78 20.24 -1.14
C CYS A 142 18.89 21.43 -1.42
N PHE A 143 19.38 22.28 -2.31
CA PHE A 143 18.56 23.27 -2.97
C PHE A 143 17.74 22.60 -4.06
N ILE A 144 16.44 22.84 -4.05
CA ILE A 144 15.54 22.32 -5.07
C ILE A 144 15.43 23.39 -6.15
N PRO A 145 15.39 23.04 -7.44
CA PRO A 145 15.24 24.07 -8.47
C PRO A 145 13.96 24.90 -8.27
N CYS A 146 14.05 26.18 -8.66
CA CYS A 146 13.08 27.17 -8.19
C CYS A 146 11.72 27.01 -8.84
N THR A 147 11.64 26.64 -10.12
CA THR A 147 10.33 26.42 -10.72
C THR A 147 9.61 25.22 -10.11
N PRO A 148 10.22 24.02 -9.96
CA PRO A 148 9.51 22.94 -9.24
C PRO A 148 9.14 23.31 -7.81
N LYS A 149 9.99 24.05 -7.07
CA LYS A 149 9.62 24.54 -5.75
C LYS A 149 8.34 25.33 -5.80
N GLY A 150 8.19 26.16 -6.84
CA GLY A 150 7.02 27.01 -6.91
C GLY A 150 5.79 26.28 -7.38
N CYS A 151 5.96 25.27 -8.22
CA CYS A 151 4.83 24.42 -8.56
C CYS A 151 4.32 23.67 -7.33
N LEU A 152 5.24 23.17 -6.50
CA LEU A 152 4.84 22.45 -5.31
C LEU A 152 4.00 23.33 -4.38
N GLU A 153 4.42 24.59 -4.18
CA GLU A 153 3.61 25.52 -3.39
C GLU A 153 2.25 25.77 -4.04
N LEU A 154 2.19 25.92 -5.36
CA LEU A 154 0.88 26.13 -5.97
C LEU A 154 -0.03 24.93 -5.74
N ILE A 155 0.50 23.71 -5.89
CA ILE A 155 -0.29 22.51 -5.62
C ILE A 155 -0.74 22.47 -4.16
N LYS A 156 0.17 22.78 -3.23
CA LYS A 156 -0.23 22.74 -1.82
C LYS A 156 -1.26 23.81 -1.46
N GLU A 157 -1.34 24.90 -2.23
CA GLU A 157 -2.36 25.92 -2.03
C GLU A 157 -3.76 25.37 -2.21
N THR A 158 -3.92 24.27 -2.95
CA THR A 158 -5.25 23.72 -3.12
C THR A 158 -5.79 23.14 -1.82
N GLY A 159 -4.92 22.83 -0.86
CA GLY A 159 -5.26 22.07 0.34
C GLY A 159 -5.58 20.59 0.13
N VAL A 160 -5.37 20.05 -1.06
CA VAL A 160 -5.62 18.64 -1.36
C VAL A 160 -4.29 17.89 -1.24
N PRO A 161 -4.18 16.91 -0.34
CA PRO A 161 -2.90 16.21 -0.16
C PRO A 161 -2.41 15.63 -1.48
N ILE A 162 -1.08 15.56 -1.63
CA ILE A 162 -0.50 14.98 -2.84
C ILE A 162 -0.38 13.46 -2.72
N ALA A 163 -0.10 12.94 -1.54
CA ALA A 163 0.10 11.51 -1.38
C ALA A 163 -1.06 10.72 -1.96
N GLY A 164 -0.75 9.68 -2.73
CA GLY A 164 -1.75 8.83 -3.28
C GLY A 164 -2.29 9.25 -4.63
N ARG A 165 -2.12 10.52 -5.01
CA ARG A 165 -2.65 10.96 -6.30
C ARG A 165 -1.71 10.56 -7.42
N HIS A 166 -2.29 10.38 -8.61
CA HIS A 166 -1.50 10.18 -9.81
C HIS A 166 -1.13 11.54 -10.42
N ALA A 167 0.16 11.85 -10.44
CA ALA A 167 0.67 13.08 -11.04
C ALA A 167 1.32 12.76 -12.38
N VAL A 168 1.06 13.62 -13.38
CA VAL A 168 1.66 13.51 -14.71
C VAL A 168 2.52 14.75 -14.92
N VAL A 169 3.80 14.55 -15.19
CA VAL A 169 4.70 15.63 -15.55
C VAL A 169 4.97 15.47 -17.03
N VAL A 170 4.68 16.50 -17.82
CA VAL A 170 4.94 16.46 -19.25
C VAL A 170 6.18 17.29 -19.51
N GLY A 171 7.25 16.64 -19.92
CA GLY A 171 8.53 17.30 -20.05
C GLY A 171 9.51 16.80 -19.01
N ARG A 172 10.80 16.78 -19.38
CA ARG A 172 11.82 16.19 -18.51
C ARG A 172 13.11 17.01 -18.51
N SER A 173 13.02 18.33 -18.67
CA SER A 173 14.22 19.14 -18.69
C SER A 173 14.89 19.15 -17.32
N LYS A 174 16.15 19.55 -17.31
CA LYS A 174 16.94 19.59 -16.06
C LYS A 174 16.47 20.70 -15.14
N ILE A 175 15.85 21.73 -15.69
CA ILE A 175 15.49 22.87 -14.85
C ILE A 175 14.07 22.74 -14.29
N VAL A 176 13.17 22.10 -15.04
CA VAL A 176 11.77 22.02 -14.65
C VAL A 176 11.27 20.58 -14.56
N GLY A 177 11.19 19.90 -15.71
CA GLY A 177 10.42 18.66 -15.78
C GLY A 177 11.00 17.55 -14.91
N ALA A 178 12.30 17.27 -15.06
CA ALA A 178 12.91 16.21 -14.26
C ALA A 178 12.86 16.50 -12.77
N PRO A 179 13.30 17.67 -12.26
CA PRO A 179 13.13 17.87 -10.81
C PRO A 179 11.68 17.88 -10.36
N MET A 180 10.75 18.33 -11.19
CA MET A 180 9.34 18.31 -10.80
C MET A 180 8.87 16.87 -10.55
N HIS A 181 9.28 15.94 -11.41
CA HIS A 181 8.95 14.54 -11.18
C HIS A 181 9.46 14.07 -9.82
N ASP A 182 10.70 14.42 -9.48
CA ASP A 182 11.28 14.01 -8.21
C ASP A 182 10.52 14.63 -7.04
N LEU A 183 10.19 15.93 -7.13
CA LEU A 183 9.51 16.58 -6.02
C LEU A 183 8.17 15.91 -5.72
N LEU A 184 7.42 15.60 -6.77
CA LEU A 184 6.11 14.98 -6.63
C LEU A 184 6.23 13.54 -6.12
N LEU A 185 7.28 12.82 -6.55
CA LEU A 185 7.51 11.46 -6.08
C LEU A 185 7.79 11.44 -4.58
N TRP A 186 8.67 12.32 -4.10
CA TRP A 186 8.95 12.34 -2.68
C TRP A 186 7.88 13.08 -1.87
N ASN A 187 6.87 13.64 -2.53
CA ASN A 187 5.63 13.95 -1.83
C ASN A 187 4.59 12.84 -1.96
N ASN A 188 5.01 11.66 -2.45
CA ASN A 188 4.25 10.41 -2.43
C ASN A 188 3.13 10.37 -3.45
N ALA A 189 3.25 11.14 -4.54
CA ALA A 189 2.44 10.87 -5.71
C ALA A 189 2.95 9.64 -6.46
N THR A 190 2.05 9.02 -7.21
CA THR A 190 2.42 8.11 -8.29
C THR A 190 2.67 8.97 -9.52
N VAL A 191 3.86 8.91 -10.10
CA VAL A 191 4.25 9.91 -11.10
C VAL A 191 4.49 9.25 -12.44
N THR A 192 3.91 9.82 -13.49
CA THR A 192 4.20 9.46 -14.87
C THR A 192 4.92 10.63 -15.55
N THR A 193 6.08 10.37 -16.11
CA THR A 193 6.83 11.39 -16.83
C THR A 193 6.69 11.15 -18.33
N CYS A 194 6.31 12.20 -19.06
CA CYS A 194 6.11 12.18 -20.51
C CYS A 194 7.11 13.09 -21.19
N HIS A 195 7.28 12.88 -22.50
CA HIS A 195 8.28 13.64 -23.25
C HIS A 195 7.93 13.53 -24.74
N SER A 196 8.82 14.01 -25.60
CA SER A 196 8.53 14.06 -27.03
C SER A 196 8.47 12.69 -27.68
N LYS A 197 8.91 11.63 -27.00
CA LYS A 197 8.78 10.27 -27.50
C LYS A 197 7.59 9.54 -26.91
N THR A 198 6.75 10.22 -26.15
CA THR A 198 5.56 9.59 -25.60
C THR A 198 4.52 9.43 -26.70
N ALA A 199 4.04 8.21 -26.88
CA ALA A 199 2.88 7.96 -27.71
C ALA A 199 1.62 8.14 -26.88
N HIS A 200 0.55 8.53 -27.54
CA HIS A 200 -0.75 8.68 -26.88
C HIS A 200 -0.67 9.62 -25.68
N LEU A 201 -0.06 10.79 -25.91
CA LEU A 201 0.10 11.75 -24.83
C LEU A 201 -1.24 12.15 -24.22
N ASP A 202 -2.30 12.19 -25.03
CA ASP A 202 -3.61 12.58 -24.52
C ASP A 202 -4.07 11.62 -23.44
N GLU A 203 -3.82 10.32 -23.62
CA GLU A 203 -4.20 9.34 -22.62
C GLU A 203 -3.32 9.40 -21.37
N GLU A 204 -2.04 9.73 -21.51
CA GLU A 204 -1.23 9.90 -20.31
C GLU A 204 -1.70 11.13 -19.52
N VAL A 205 -2.01 12.22 -20.22
CA VAL A 205 -2.46 13.44 -19.53
C VAL A 205 -3.74 13.20 -18.76
N ASN A 206 -4.66 12.42 -19.34
CA ASN A 206 -5.94 12.09 -18.74
C ASN A 206 -5.83 11.24 -17.47
N LYS A 207 -4.64 10.71 -17.16
CA LYS A 207 -4.42 10.04 -15.88
C LYS A 207 -4.15 10.99 -14.73
N GLY A 208 -3.91 12.28 -14.99
CA GLY A 208 -3.38 13.14 -13.96
C GLY A 208 -4.38 13.80 -13.03
N ASP A 209 -4.45 13.33 -11.77
CA ASP A 209 -5.03 14.14 -10.70
C ASP A 209 -4.25 15.42 -10.50
N ILE A 210 -2.94 15.36 -10.73
CA ILE A 210 -2.06 16.51 -10.78
C ILE A 210 -1.41 16.49 -12.15
N LEU A 211 -1.40 17.65 -12.82
CA LEU A 211 -0.80 17.79 -14.14
C LEU A 211 0.14 18.97 -14.12
N VAL A 212 1.40 18.74 -14.45
CA VAL A 212 2.39 19.80 -14.57
C VAL A 212 2.93 19.73 -15.99
N VAL A 213 2.79 20.83 -16.74
CA VAL A 213 3.19 20.84 -18.15
C VAL A 213 4.32 21.82 -18.33
N ALA A 214 5.48 21.33 -18.83
CA ALA A 214 6.64 22.18 -19.11
C ALA A 214 7.28 21.73 -20.41
N THR A 215 6.75 22.21 -21.53
CA THR A 215 7.19 21.74 -22.83
C THR A 215 7.70 22.84 -23.75
N GLY A 216 7.35 24.11 -23.50
CA GLY A 216 7.64 25.16 -24.45
C GLY A 216 6.92 25.02 -25.77
N GLN A 217 5.81 24.28 -25.81
CA GLN A 217 5.00 24.07 -27.02
C GLN A 217 3.63 24.69 -26.81
N PRO A 218 3.40 25.91 -27.30
CA PRO A 218 2.25 26.71 -26.84
C PRO A 218 0.91 26.00 -27.03
N GLU A 219 0.14 25.92 -25.94
CA GLU A 219 -1.21 25.36 -25.93
C GLU A 219 -1.28 23.94 -26.51
N MET A 220 -0.16 23.20 -26.47
CA MET A 220 -0.15 21.87 -27.08
C MET A 220 -0.95 20.86 -26.26
N VAL A 221 -1.00 21.02 -24.95
CA VAL A 221 -1.79 20.14 -24.09
C VAL A 221 -3.23 20.67 -24.15
N LYS A 222 -4.09 19.96 -24.89
CA LYS A 222 -5.47 20.40 -25.07
C LYS A 222 -6.30 20.14 -23.82
N GLY A 223 -7.26 21.03 -23.58
CA GLY A 223 -8.08 20.93 -22.37
C GLY A 223 -8.94 19.68 -22.31
N GLU A 224 -9.34 19.14 -23.47
CA GLU A 224 -10.17 17.93 -23.48
C GLU A 224 -9.43 16.72 -22.93
N TRP A 225 -8.10 16.75 -22.97
CA TRP A 225 -7.33 15.63 -22.41
C TRP A 225 -7.38 15.61 -20.90
N ILE A 226 -7.60 16.77 -20.27
CA ILE A 226 -7.46 16.91 -18.82
C ILE A 226 -8.51 16.07 -18.10
N LYS A 227 -8.07 15.37 -17.05
CA LYS A 227 -9.00 14.64 -16.22
C LYS A 227 -9.89 15.63 -15.47
N PRO A 228 -11.19 15.38 -15.38
CA PRO A 228 -12.06 16.33 -14.68
C PRO A 228 -11.71 16.38 -13.20
N GLY A 229 -11.58 17.61 -12.67
CA GLY A 229 -11.12 17.82 -11.32
C GLY A 229 -9.60 17.92 -11.15
N ALA A 230 -8.84 17.86 -12.23
CA ALA A 230 -7.38 17.87 -12.12
C ALA A 230 -6.86 19.20 -11.60
N ILE A 231 -5.71 19.15 -10.93
CA ILE A 231 -4.94 20.35 -10.61
C ILE A 231 -3.94 20.57 -11.74
N VAL A 232 -4.08 21.68 -12.45
CA VAL A 232 -3.33 21.93 -13.66
C VAL A 232 -2.34 23.05 -13.40
N ILE A 233 -1.04 22.77 -13.64
CA ILE A 233 0.05 23.71 -13.44
C ILE A 233 0.73 23.92 -14.78
N ASP A 234 0.71 25.15 -15.26
CA ASP A 234 1.24 25.48 -16.60
C ASP A 234 2.53 26.29 -16.42
N CYS A 235 3.66 25.64 -16.63
CA CYS A 235 4.97 26.30 -16.59
C CYS A 235 5.28 27.04 -17.89
N GLY A 236 4.44 26.95 -18.90
CA GLY A 236 4.74 27.59 -20.17
C GLY A 236 4.71 29.12 -20.08
N ILE A 237 5.70 29.74 -20.71
CA ILE A 237 5.69 31.16 -21.07
C ILE A 237 6.03 31.23 -22.55
N ASN A 238 5.01 31.27 -23.41
CA ASN A 238 5.23 31.27 -24.85
C ASN A 238 4.70 32.56 -25.47
N TYR A 239 5.55 33.25 -26.22
CA TYR A 239 5.16 34.47 -26.92
C TYR A 239 4.69 34.09 -28.32
N VAL A 240 3.39 34.25 -28.52
CA VAL A 240 2.77 33.88 -29.81
C VAL A 240 2.27 35.14 -30.50
N PRO A 241 2.16 35.15 -31.83
CA PRO A 241 1.73 36.34 -32.56
C PRO A 241 0.28 36.73 -32.26
N ASP A 242 0.00 38.04 -32.23
CA ASP A 242 -1.37 38.55 -32.01
C ASP A 242 -1.40 40.03 -32.36
N LYS A 250 1.46 38.29 -27.55
CA LYS A 250 0.70 37.77 -26.40
C LYS A 250 1.37 36.55 -25.78
N VAL A 251 1.29 36.43 -24.46
CA VAL A 251 1.86 35.30 -23.73
C VAL A 251 0.79 34.22 -23.57
N VAL A 252 1.14 32.97 -23.90
CA VAL A 252 0.32 31.81 -23.63
C VAL A 252 1.17 30.75 -22.95
N GLY A 253 0.50 29.85 -22.24
CA GLY A 253 1.15 28.73 -21.59
C GLY A 253 1.21 27.51 -22.50
N ASP A 254 1.59 26.39 -21.90
CA ASP A 254 1.70 25.12 -22.60
C ASP A 254 0.39 24.34 -22.62
N VAL A 255 -0.64 24.85 -21.95
CA VAL A 255 -1.94 24.23 -21.82
C VAL A 255 -2.97 25.12 -22.50
N ALA A 256 -3.94 24.50 -23.19
CA ALA A 256 -5.07 25.25 -23.73
C ALA A 256 -6.00 25.71 -22.60
N TYR A 257 -5.78 26.93 -22.12
CA TYR A 257 -6.39 27.36 -20.86
C TYR A 257 -7.91 27.37 -20.93
N ASP A 258 -8.48 27.74 -22.08
CA ASP A 258 -9.93 27.88 -22.21
C ASP A 258 -10.65 26.57 -21.90
N GLU A 259 -10.41 25.54 -22.70
CA GLU A 259 -11.06 24.26 -22.42
C GLU A 259 -10.58 23.67 -21.10
N ALA A 260 -9.32 23.93 -20.69
CA ALA A 260 -8.80 23.32 -19.47
C ALA A 260 -9.49 23.86 -18.23
N LYS A 261 -9.78 25.17 -18.21
CA LYS A 261 -10.42 25.75 -17.05
C LYS A 261 -11.79 25.15 -16.79
N GLU A 262 -12.48 24.71 -17.84
CA GLU A 262 -13.79 24.09 -17.65
C GLU A 262 -13.71 22.74 -16.94
N ARG A 263 -12.55 22.10 -16.93
CA ARG A 263 -12.44 20.75 -16.40
C ARG A 263 -11.62 20.66 -15.12
N ALA A 264 -10.59 21.50 -14.96
CA ALA A 264 -9.74 21.42 -13.78
C ALA A 264 -10.51 21.84 -12.52
N SER A 265 -10.08 21.32 -11.37
CA SER A 265 -10.52 21.94 -10.13
C SER A 265 -9.73 23.21 -9.82
N PHE A 266 -8.45 23.25 -10.21
CA PHE A 266 -7.58 24.41 -9.98
C PHE A 266 -6.69 24.56 -11.20
N ILE A 267 -6.31 25.81 -11.50
CA ILE A 267 -5.46 26.01 -12.67
C ILE A 267 -4.68 27.31 -12.49
N THR A 268 -3.42 27.27 -12.94
CA THR A 268 -2.55 28.43 -12.98
C THR A 268 -2.77 29.20 -14.27
N PRO A 269 -3.09 30.49 -14.21
CA PRO A 269 -3.08 31.30 -15.43
C PRO A 269 -1.66 31.59 -15.89
N VAL A 270 -1.54 31.87 -17.17
CA VAL A 270 -0.33 32.41 -17.77
C VAL A 270 -0.68 33.77 -18.35
N PRO A 271 -0.01 34.85 -17.95
CA PRO A 271 1.02 34.92 -16.90
C PRO A 271 0.42 35.06 -15.50
N GLY A 272 1.20 35.44 -14.49
CA GLY A 272 0.66 35.49 -13.14
C GLY A 272 0.43 34.16 -12.47
N GLY A 273 1.03 33.07 -12.97
CA GLY A 273 0.95 31.76 -12.33
C GLY A 273 2.29 31.31 -11.81
N VAL A 274 2.97 30.45 -12.58
CA VAL A 274 4.21 29.86 -12.08
C VAL A 274 5.33 30.90 -12.03
N GLY A 275 5.41 31.76 -13.06
CA GLY A 275 6.51 32.71 -13.21
C GLY A 275 6.91 33.45 -11.95
N PRO A 276 5.97 34.19 -11.35
CA PRO A 276 6.29 34.88 -10.08
C PRO A 276 6.64 33.94 -8.94
N MET A 277 6.09 32.71 -8.93
CA MET A 277 6.49 31.74 -7.92
C MET A 277 7.94 31.31 -8.09
N THR A 278 8.38 31.14 -9.34
CA THR A 278 9.79 30.86 -9.62
C THR A 278 10.71 31.88 -8.98
N VAL A 279 10.45 33.17 -9.22
CA VAL A 279 11.31 34.20 -8.67
C VAL A 279 11.28 34.18 -7.15
N ALA A 280 10.09 34.03 -6.58
CA ALA A 280 9.97 34.05 -5.13
C ALA A 280 10.72 32.88 -4.50
N MET A 281 10.68 31.69 -5.14
CA MET A 281 11.38 30.54 -4.58
C MET A 281 12.90 30.73 -4.61
N LEU A 282 13.40 31.38 -5.65
CA LEU A 282 14.82 31.71 -5.72
C LEU A 282 15.23 32.62 -4.57
N MET A 283 14.42 33.64 -4.29
CA MET A 283 14.68 34.50 -3.14
C MET A 283 14.63 33.70 -1.84
N GLN A 284 13.67 32.77 -1.70
CA GLN A 284 13.62 31.95 -0.50
C GLN A 284 14.90 31.12 -0.33
N SER A 285 15.36 30.51 -1.42
CA SER A 285 16.59 29.74 -1.36
C SER A 285 17.79 30.62 -1.03
N THR A 286 17.83 31.83 -1.59
CA THR A 286 18.93 32.74 -1.26
C THR A 286 18.95 33.08 0.23
N VAL A 287 17.77 33.42 0.78
CA VAL A 287 17.71 33.75 2.21
C VAL A 287 18.13 32.53 3.03
N GLU A 288 17.75 31.33 2.58
CA GLU A 288 18.13 30.10 3.27
C GLU A 288 19.63 29.86 3.28
N SER A 289 20.32 30.06 2.16
CA SER A 289 21.77 29.87 2.20
C SER A 289 22.46 30.93 3.06
N ALA A 290 21.90 32.16 3.09
CA ALA A 290 22.46 33.19 3.96
C ALA A 290 22.34 32.81 5.43
N LYS A 291 21.18 32.29 5.83
CA LYS A 291 21.02 31.79 7.19
C LYS A 291 21.98 30.65 7.48
N ARG A 292 22.14 29.72 6.54
CA ARG A 292 23.07 28.62 6.75
C ARG A 292 24.49 29.14 6.90
N PHE A 293 24.85 30.16 6.12
CA PHE A 293 26.18 30.76 6.22
C PHE A 293 26.41 31.36 7.59
N LEU A 294 25.36 31.90 8.23
CA LEU A 294 25.52 32.44 9.57
C LEU A 294 25.80 31.37 10.61
N GLU A 295 25.34 30.13 10.38
CA GLU A 295 25.53 29.06 11.35
C GLU A 295 27.00 28.73 11.58
N PRO B 2 2.31 -18.78 -22.88
CA PRO B 2 3.47 -18.80 -21.99
C PRO B 2 4.64 -17.93 -22.49
N ALA B 3 5.17 -17.12 -21.57
CA ALA B 3 6.22 -16.17 -21.91
C ALA B 3 7.52 -16.90 -22.24
N GLU B 4 8.30 -16.31 -23.13
CA GLU B 4 9.69 -16.73 -23.26
C GLU B 4 10.45 -16.28 -22.01
N ILE B 5 11.25 -17.18 -21.44
CA ILE B 5 12.00 -16.90 -20.24
C ILE B 5 13.29 -16.18 -20.63
N LEU B 6 13.59 -15.09 -19.92
CA LEU B 6 14.86 -14.38 -20.07
C LEU B 6 15.86 -15.08 -19.18
N ASN B 7 16.85 -15.75 -19.78
CA ASN B 7 17.78 -16.59 -19.03
C ASN B 7 18.95 -15.72 -18.58
N GLY B 8 18.83 -15.14 -17.38
CA GLY B 8 19.89 -14.28 -16.88
C GLY B 8 21.17 -15.05 -16.57
N LYS B 9 21.04 -16.25 -16.03
CA LYS B 9 22.24 -17.07 -15.75
C LYS B 9 23.04 -17.27 -17.04
N GLU B 10 22.36 -17.60 -18.14
CA GLU B 10 23.06 -17.75 -19.41
C GLU B 10 23.58 -16.41 -19.95
N ILE B 11 22.77 -15.35 -19.88
CA ILE B 11 23.18 -14.07 -20.46
C ILE B 11 24.40 -13.52 -19.74
N SER B 12 24.40 -13.61 -18.39
CA SER B 12 25.56 -13.13 -17.63
C SER B 12 26.82 -13.92 -17.99
N ALA B 13 26.69 -15.24 -18.13
CA ALA B 13 27.85 -16.07 -18.46
C ALA B 13 28.56 -15.52 -19.69
N GLN B 14 27.78 -15.22 -20.73
CA GLN B 14 28.35 -14.62 -21.93
C GLN B 14 29.02 -13.29 -21.62
N ILE B 15 28.39 -12.44 -20.80
CA ILE B 15 29.02 -11.17 -20.44
C ILE B 15 30.36 -11.39 -19.75
N ARG B 16 30.42 -12.32 -18.79
CA ARG B 16 31.64 -12.50 -18.02
C ARG B 16 32.77 -13.03 -18.90
N ALA B 17 32.44 -13.92 -19.85
CA ALA B 17 33.43 -14.38 -20.83
C ALA B 17 34.02 -13.20 -21.60
N ARG B 18 33.17 -12.28 -22.07
CA ARG B 18 33.69 -11.12 -22.78
C ARG B 18 34.57 -10.28 -21.86
N LEU B 19 34.18 -10.14 -20.59
CA LEU B 19 34.98 -9.37 -19.64
C LEU B 19 36.32 -10.05 -19.38
N LYS B 20 36.32 -11.37 -19.26
CA LYS B 20 37.58 -12.10 -19.06
C LYS B 20 38.52 -11.86 -20.23
N ASN B 21 38.00 -11.93 -21.46
CA ASN B 21 38.83 -11.67 -22.62
C ASN B 21 39.39 -10.26 -22.59
N GLN B 22 38.58 -9.27 -22.20
CA GLN B 22 39.07 -7.90 -22.10
C GLN B 22 40.13 -7.80 -21.01
N VAL B 23 39.90 -8.47 -19.86
CA VAL B 23 40.87 -8.41 -18.77
C VAL B 23 42.14 -9.18 -19.14
N THR B 24 41.98 -10.34 -19.78
CA THR B 24 43.14 -11.06 -20.32
C THR B 24 43.91 -10.19 -21.29
N GLN B 25 43.22 -9.63 -22.29
CA GLN B 25 43.88 -8.76 -23.27
C GLN B 25 44.50 -7.55 -22.59
N LEU B 26 43.80 -6.96 -21.62
CA LEU B 26 44.29 -5.76 -20.97
C LEU B 26 45.52 -6.04 -20.11
N LYS B 27 45.64 -7.26 -19.58
CA LYS B 27 46.81 -7.63 -18.79
C LYS B 27 48.05 -7.77 -19.66
N GLU B 28 47.87 -8.04 -20.95
CA GLU B 28 49.06 -8.08 -21.84
C GLU B 28 49.39 -6.65 -22.27
N GLN B 29 48.50 -5.99 -23.01
CA GLN B 29 48.78 -4.61 -23.49
C GLN B 29 49.48 -3.84 -22.38
N VAL B 30 49.08 -4.09 -21.13
CA VAL B 30 49.73 -3.44 -19.96
C VAL B 30 50.20 -4.55 -19.02
N PRO B 31 51.49 -4.93 -19.06
CA PRO B 31 52.00 -5.95 -18.17
C PRO B 31 52.10 -5.51 -16.70
N GLY B 32 51.65 -6.37 -15.79
CA GLY B 32 51.70 -6.07 -14.34
C GLY B 32 50.46 -5.37 -13.86
N PHE B 33 49.48 -5.17 -14.74
CA PHE B 33 48.31 -4.39 -14.36
C PHE B 33 47.07 -5.27 -14.37
N THR B 34 46.16 -5.00 -13.42
CA THR B 34 44.96 -5.77 -13.19
C THR B 34 43.91 -4.85 -12.60
N PRO B 35 42.64 -4.96 -13.04
CA PRO B 35 41.57 -4.25 -12.32
C PRO B 35 41.51 -4.71 -10.87
N ARG B 36 41.36 -3.76 -9.96
CA ARG B 36 41.25 -4.07 -8.54
C ARG B 36 39.94 -3.49 -7.98
N LEU B 37 39.15 -4.35 -7.36
CA LEU B 37 37.89 -4.02 -6.72
C LEU B 37 38.02 -4.21 -5.21
N ALA B 38 37.44 -3.30 -4.42
CA ALA B 38 37.28 -3.53 -2.99
C ALA B 38 35.81 -3.50 -2.62
N ILE B 39 35.39 -4.42 -1.78
CA ILE B 39 34.03 -4.44 -1.24
C ILE B 39 34.13 -4.32 0.27
N LEU B 40 33.50 -3.29 0.82
CA LEU B 40 33.45 -3.04 2.26
C LEU B 40 32.09 -3.48 2.80
N GLN B 41 32.11 -4.25 3.88
CA GLN B 41 30.90 -4.70 4.56
C GLN B 41 30.96 -4.27 6.03
N VAL B 42 29.81 -3.84 6.57
CA VAL B 42 29.68 -3.53 7.99
C VAL B 42 28.70 -4.54 8.57
N GLY B 43 29.14 -5.29 9.59
CA GLY B 43 28.30 -6.30 10.20
C GLY B 43 28.39 -7.63 9.48
N ASN B 44 27.42 -8.50 9.75
CA ASN B 44 27.50 -9.88 9.29
C ASN B 44 26.15 -10.43 8.83
N ARG B 45 25.40 -9.68 8.04
CA ARG B 45 24.14 -10.19 7.53
C ARG B 45 24.37 -11.42 6.65
N ASP B 46 23.45 -12.40 6.72
CA ASP B 46 23.56 -13.60 5.90
C ASP B 46 23.41 -13.30 4.41
N ASP B 47 22.43 -12.47 4.04
CA ASP B 47 22.27 -12.20 2.61
C ASP B 47 23.42 -11.36 2.08
N SER B 48 23.97 -10.45 2.89
CA SER B 48 25.14 -9.70 2.44
C SER B 48 26.33 -10.62 2.19
N ASN B 49 26.56 -11.57 3.10
CA ASN B 49 27.62 -12.56 2.89
C ASN B 49 27.47 -13.26 1.54
N LEU B 50 26.28 -13.81 1.28
CA LEU B 50 26.02 -14.51 0.03
C LEU B 50 26.32 -13.63 -1.19
N TYR B 51 25.74 -12.42 -1.23
CA TYR B 51 25.88 -11.62 -2.44
C TYR B 51 27.33 -11.19 -2.66
N ILE B 52 28.01 -10.84 -1.56
CA ILE B 52 29.42 -10.48 -1.65
C ILE B 52 30.24 -11.64 -2.19
N ASN B 53 29.95 -12.86 -1.73
CA ASN B 53 30.73 -14.00 -2.18
C ASN B 53 30.48 -14.30 -3.65
N VAL B 54 29.22 -14.17 -4.11
CA VAL B 54 28.93 -14.33 -5.52
C VAL B 54 29.71 -13.31 -6.34
N LYS B 55 29.87 -12.10 -5.80
CA LYS B 55 30.64 -11.08 -6.49
C LYS B 55 32.13 -11.43 -6.51
N LEU B 56 32.68 -11.83 -5.37
CA LEU B 56 34.06 -12.29 -5.34
C LEU B 56 34.26 -13.41 -6.36
N LYS B 57 33.28 -14.32 -6.44
CA LYS B 57 33.39 -15.46 -7.33
C LYS B 57 33.46 -15.01 -8.78
N ALA B 58 32.58 -14.07 -9.18
CA ALA B 58 32.61 -13.54 -10.54
C ALA B 58 33.92 -12.82 -10.84
N ALA B 59 34.40 -12.02 -9.88
CA ALA B 59 35.64 -11.30 -10.11
C ALA B 59 36.79 -12.28 -10.33
N GLU B 60 36.82 -13.38 -9.57
CA GLU B 60 37.86 -14.39 -9.76
C GLU B 60 37.86 -14.92 -11.19
N GLU B 61 36.69 -15.39 -11.68
CA GLU B 61 36.59 -15.94 -13.03
C GLU B 61 37.17 -15.00 -14.09
N ILE B 62 36.95 -13.69 -13.94
CA ILE B 62 37.29 -12.70 -14.96
C ILE B 62 38.75 -12.27 -14.88
N GLY B 63 39.40 -12.41 -13.73
CA GLY B 63 40.72 -11.85 -13.55
C GLY B 63 40.76 -10.55 -12.79
N ILE B 64 39.62 -10.02 -12.36
CA ILE B 64 39.60 -8.86 -11.48
C ILE B 64 40.06 -9.27 -10.09
N LYS B 65 40.94 -8.45 -9.48
CA LYS B 65 41.38 -8.66 -8.10
C LYS B 65 40.42 -7.97 -7.13
N ALA B 66 39.63 -8.76 -6.42
CA ALA B 66 38.56 -8.26 -5.56
C ALA B 66 38.90 -8.61 -4.10
N THR B 67 39.01 -7.58 -3.27
CA THR B 67 39.22 -7.69 -1.84
C THR B 67 37.89 -7.51 -1.12
N HIS B 68 37.73 -8.19 0.02
CA HIS B 68 36.54 -8.07 0.88
C HIS B 68 36.98 -7.66 2.29
N ILE B 69 36.70 -6.42 2.67
CA ILE B 69 36.94 -5.94 4.03
C ILE B 69 35.61 -6.04 4.80
N LYS B 70 35.54 -6.93 5.78
CA LYS B 70 34.35 -7.11 6.62
C LYS B 70 34.62 -6.51 8.00
N LEU B 71 33.87 -5.36 8.35
CA LEU B 71 33.95 -4.66 9.63
C LEU B 71 32.89 -5.17 10.60
N PRO B 72 33.14 -5.12 11.90
CA PRO B 72 32.21 -5.72 12.87
C PRO B 72 30.97 -4.86 13.09
N ARG B 73 29.95 -5.47 13.71
CA ARG B 73 28.68 -4.79 13.96
C ARG B 73 28.86 -3.56 14.84
N THR B 74 29.84 -3.57 15.73
CA THR B 74 30.11 -2.47 16.63
C THR B 74 30.93 -1.37 15.98
N THR B 75 30.94 -1.30 14.66
CA THR B 75 31.74 -0.30 13.95
C THR B 75 31.07 1.07 14.03
N THR B 76 31.89 2.10 14.21
CA THR B 76 31.38 3.47 14.22
C THR B 76 31.50 4.09 12.83
N GLU B 77 30.68 5.12 12.61
CA GLU B 77 30.74 5.86 11.37
C GLU B 77 32.16 6.36 11.09
N SER B 78 32.88 6.80 12.11
CA SER B 78 34.22 7.28 11.84
C SER B 78 35.16 6.14 11.45
N GLU B 79 34.97 4.95 12.00
CA GLU B 79 35.81 3.85 11.58
C GLU B 79 35.62 3.55 10.09
N VAL B 80 34.36 3.55 9.62
CA VAL B 80 34.06 3.30 8.21
C VAL B 80 34.71 4.36 7.31
N MET B 81 34.64 5.63 7.71
CA MET B 81 35.20 6.72 6.91
C MET B 81 36.70 6.60 6.74
N LYS B 82 37.41 5.98 7.70
CA LYS B 82 38.84 5.79 7.52
C LYS B 82 39.12 4.89 6.32
N TYR B 83 38.34 3.81 6.19
CA TYR B 83 38.51 2.88 5.08
C TYR B 83 38.15 3.51 3.73
N ILE B 84 37.06 4.26 3.68
CA ILE B 84 36.68 4.92 2.43
C ILE B 84 37.76 5.91 2.02
N THR B 85 38.28 6.67 2.99
CA THR B 85 39.37 7.61 2.71
C THR B 85 40.58 6.89 2.14
N SER B 86 40.99 5.80 2.77
CA SER B 86 42.15 5.07 2.29
C SER B 86 41.92 4.53 0.87
N LEU B 87 40.76 3.91 0.64
CA LEU B 87 40.47 3.33 -0.67
C LEU B 87 40.41 4.41 -1.75
N ASN B 88 39.83 5.58 -1.41
CA ASN B 88 39.84 6.70 -2.36
C ASN B 88 41.26 7.06 -2.78
N GLU B 89 42.20 7.04 -1.84
CA GLU B 89 43.54 7.53 -2.09
C GLU B 89 44.44 6.46 -2.71
N ASP B 90 44.19 5.18 -2.45
CA ASP B 90 45.04 4.12 -2.99
C ASP B 90 44.84 4.02 -4.50
N SER B 91 45.85 4.46 -5.25
CA SER B 91 45.72 4.53 -6.69
C SER B 91 45.70 3.16 -7.35
N THR B 92 45.99 2.07 -6.62
CA THR B 92 45.87 0.73 -7.18
C THR B 92 44.45 0.21 -7.14
N VAL B 93 43.55 0.88 -6.43
CA VAL B 93 42.16 0.47 -6.32
C VAL B 93 41.35 1.28 -7.32
N HIS B 94 40.74 0.59 -8.30
CA HIS B 94 40.03 1.25 -9.37
C HIS B 94 38.55 1.46 -9.07
N GLY B 95 37.94 0.58 -8.30
CA GLY B 95 36.56 0.77 -7.88
C GLY B 95 36.35 0.14 -6.52
N PHE B 96 35.42 0.70 -5.76
CA PHE B 96 35.01 0.06 -4.53
C PHE B 96 33.58 0.45 -4.22
N LEU B 97 32.98 -0.31 -3.31
CA LEU B 97 31.58 -0.16 -2.97
C LEU B 97 31.37 -0.62 -1.54
N VAL B 98 30.33 -0.08 -0.93
CA VAL B 98 29.88 -0.49 0.39
C VAL B 98 28.62 -1.30 0.20
N GLN B 99 28.68 -2.58 0.54
CA GLN B 99 27.49 -3.40 0.48
C GLN B 99 26.45 -2.85 1.44
N LEU B 100 25.22 -2.71 0.98
CA LEU B 100 24.16 -2.13 1.79
C LEU B 100 23.07 -3.14 2.10
N PRO B 101 22.30 -2.96 3.19
CA PRO B 101 22.40 -1.92 4.25
C PRO B 101 23.57 -2.17 5.21
N LEU B 102 24.10 -1.13 5.87
CA LEU B 102 25.10 -1.33 6.93
C LEU B 102 24.45 -1.97 8.13
N ASP B 103 25.04 -3.06 8.62
CA ASP B 103 24.53 -3.81 9.76
C ASP B 103 25.35 -3.43 11.00
N SER B 104 25.08 -2.25 11.54
CA SER B 104 25.79 -1.76 12.73
C SER B 104 24.81 -1.46 13.85
N GLU B 105 25.22 -1.74 15.08
CA GLU B 105 24.40 -1.37 16.23
C GLU B 105 24.50 0.12 16.52
N ASN B 106 25.50 0.81 16.00
CA ASN B 106 25.63 2.24 16.18
C ASN B 106 24.85 2.96 15.09
N SER B 107 24.68 4.26 15.28
CA SER B 107 23.97 5.07 14.28
C SER B 107 24.98 5.53 13.24
N ILE B 108 24.80 5.10 12.00
CA ILE B 108 25.69 5.49 10.91
C ILE B 108 24.87 6.12 9.81
N ASN B 109 25.26 7.32 9.42
CA ASN B 109 24.58 7.98 8.30
C ASN B 109 25.01 7.29 7.00
N THR B 110 24.17 6.39 6.48
CA THR B 110 24.45 5.73 5.20
C THR B 110 24.79 6.73 4.11
N GLU B 111 23.99 7.80 4.00
CA GLU B 111 24.18 8.76 2.91
C GLU B 111 25.51 9.46 3.05
N GLU B 112 25.94 9.75 4.29
CA GLU B 112 27.25 10.36 4.49
C GLU B 112 28.38 9.43 4.09
N VAL B 113 28.25 8.15 4.42
CA VAL B 113 29.27 7.17 4.06
C VAL B 113 29.39 7.03 2.54
N ILE B 114 28.26 6.77 1.89
CA ILE B 114 28.25 6.54 0.44
C ILE B 114 28.81 7.73 -0.31
N ASN B 115 28.51 8.95 0.16
CA ASN B 115 28.87 10.14 -0.58
C ASN B 115 30.30 10.59 -0.37
N ALA B 116 31.03 9.95 0.56
CA ALA B 116 32.47 10.14 0.66
C ALA B 116 33.24 9.34 -0.39
N ILE B 117 32.60 8.38 -1.07
CA ILE B 117 33.26 7.61 -2.12
C ILE B 117 33.59 8.53 -3.29
N ALA B 118 34.83 8.48 -3.75
CA ALA B 118 35.22 9.24 -4.93
C ALA B 118 34.35 8.82 -6.11
N PRO B 119 33.74 9.77 -6.83
CA PRO B 119 32.78 9.39 -7.87
C PRO B 119 33.39 8.55 -8.98
N GLU B 120 34.68 8.75 -9.28
CA GLU B 120 35.34 7.97 -10.32
C GLU B 120 35.61 6.54 -9.88
N LYS B 121 35.54 6.22 -8.60
CA LYS B 121 35.62 4.84 -8.15
C LYS B 121 34.27 4.25 -7.76
N ASP B 122 33.17 4.99 -7.95
CA ASP B 122 31.85 4.60 -7.41
C ASP B 122 31.18 3.63 -8.38
N VAL B 123 31.76 2.43 -8.49
CA VAL B 123 31.32 1.46 -9.49
C VAL B 123 29.87 1.03 -9.27
N ASP B 124 29.35 1.19 -8.04
CA ASP B 124 27.95 0.91 -7.75
C ASP B 124 27.01 2.06 -8.11
N GLY B 125 27.56 3.22 -8.46
CA GLY B 125 26.74 4.35 -8.85
C GLY B 125 25.82 4.87 -7.77
N LEU B 126 26.24 4.82 -6.52
CA LEU B 126 25.36 5.24 -5.44
C LEU B 126 25.69 6.63 -4.87
N THR B 127 26.76 7.29 -5.30
CA THR B 127 26.95 8.66 -4.85
C THR B 127 25.91 9.58 -5.47
N SER B 128 25.61 10.68 -4.77
CA SER B 128 24.68 11.68 -5.28
C SER B 128 25.17 12.22 -6.62
N ILE B 129 26.49 12.36 -6.76
CA ILE B 129 27.08 12.86 -8.00
C ILE B 129 26.69 11.98 -9.19
N ASN B 130 26.92 10.66 -9.10
CA ASN B 130 26.55 9.80 -10.23
C ASN B 130 25.03 9.69 -10.38
N ALA B 131 24.29 9.65 -9.26
CA ALA B 131 22.84 9.62 -9.33
C ALA B 131 22.26 10.88 -10.00
N GLY B 132 22.82 12.06 -9.67
CA GLY B 132 22.35 13.29 -10.29
C GLY B 132 22.60 13.36 -11.79
N ARG B 133 23.71 12.80 -12.27
CA ARG B 133 23.95 12.72 -13.71
C ARG B 133 22.95 11.79 -14.38
N LEU B 134 22.75 10.58 -13.84
CA LEU B 134 21.75 9.67 -14.41
C LEU B 134 20.34 10.25 -14.29
N ALA B 135 20.04 10.88 -13.16
CA ALA B 135 18.71 11.47 -13.00
C ALA B 135 18.45 12.61 -13.98
N ARG B 136 19.49 13.25 -14.50
CA ARG B 136 19.29 14.38 -15.41
C ARG B 136 19.62 14.02 -16.84
N GLY B 137 19.90 12.75 -17.13
CA GLY B 137 20.10 12.30 -18.48
C GLY B 137 21.50 12.40 -19.01
N ASP B 138 22.48 12.61 -18.13
CA ASP B 138 23.92 12.64 -18.53
C ASP B 138 24.42 11.22 -18.32
N LEU B 139 24.06 10.30 -19.21
CA LEU B 139 24.33 8.87 -18.98
C LEU B 139 25.75 8.46 -19.35
N ASN B 140 26.37 9.14 -20.30
CA ASN B 140 27.69 8.73 -20.76
C ASN B 140 28.80 9.27 -19.87
N ASP B 141 28.45 9.82 -18.70
CA ASP B 141 29.42 10.42 -17.81
C ASP B 141 29.42 9.81 -16.42
N CYS B 142 28.63 8.77 -16.17
CA CYS B 142 28.43 8.31 -14.81
C CYS B 142 28.39 6.79 -14.76
N PHE B 143 28.73 6.27 -13.59
CA PHE B 143 28.42 4.89 -13.26
C PHE B 143 26.94 4.75 -12.94
N ILE B 144 26.30 3.76 -13.56
CA ILE B 144 24.87 3.50 -13.40
C ILE B 144 24.71 2.31 -12.46
N PRO B 145 23.73 2.33 -11.56
CA PRO B 145 23.62 1.23 -10.59
C PRO B 145 23.47 -0.12 -11.30
N CYS B 146 24.02 -1.15 -10.65
CA CYS B 146 24.28 -2.44 -11.31
C CYS B 146 22.99 -3.20 -11.62
N THR B 147 22.06 -3.27 -10.67
CA THR B 147 20.79 -3.92 -10.98
C THR B 147 20.04 -3.22 -12.10
N PRO B 148 19.89 -1.88 -12.10
CA PRO B 148 19.27 -1.25 -13.29
C PRO B 148 20.00 -1.52 -14.60
N LYS B 149 21.33 -1.41 -14.62
CA LYS B 149 22.10 -1.75 -15.81
C LYS B 149 21.73 -3.13 -16.30
N GLY B 150 21.62 -4.09 -15.38
CA GLY B 150 21.32 -5.46 -15.75
C GLY B 150 19.89 -5.66 -16.21
N CYS B 151 18.95 -4.91 -15.64
CA CYS B 151 17.57 -5.00 -16.12
C CYS B 151 17.44 -4.45 -17.54
N LEU B 152 18.13 -3.35 -17.81
CA LEU B 152 18.11 -2.77 -19.16
C LEU B 152 18.61 -3.79 -20.18
N GLU B 153 19.71 -4.50 -19.86
CA GLU B 153 20.22 -5.50 -20.79
C GLU B 153 19.23 -6.63 -20.99
N LEU B 154 18.52 -7.03 -19.94
CA LEU B 154 17.52 -8.07 -20.10
C LEU B 154 16.39 -7.62 -21.02
N ILE B 155 16.06 -6.33 -21.00
CA ILE B 155 14.99 -5.80 -21.83
C ILE B 155 15.39 -5.78 -23.30
N LYS B 156 16.65 -5.43 -23.59
CA LYS B 156 17.12 -5.45 -24.98
C LYS B 156 17.17 -6.87 -25.54
N GLU B 157 17.55 -7.84 -24.71
CA GLU B 157 17.52 -9.25 -25.10
C GLU B 157 16.19 -9.67 -25.73
N THR B 158 15.09 -9.01 -25.37
CA THR B 158 13.81 -9.33 -26.00
C THR B 158 13.72 -8.83 -27.44
N GLY B 159 14.61 -7.94 -27.85
CA GLY B 159 14.51 -7.33 -29.16
C GLY B 159 13.48 -6.21 -29.26
N VAL B 160 12.51 -6.15 -28.35
CA VAL B 160 11.46 -5.14 -28.38
C VAL B 160 12.06 -3.78 -28.04
N PRO B 161 11.96 -2.78 -28.93
CA PRO B 161 12.48 -1.45 -28.61
C PRO B 161 11.75 -0.86 -27.40
N ILE B 162 12.47 -0.02 -26.67
CA ILE B 162 11.94 0.63 -25.48
C ILE B 162 11.22 1.93 -25.83
N ALA B 163 11.76 2.69 -26.79
CA ALA B 163 11.25 4.02 -27.09
C ALA B 163 9.75 3.97 -27.34
N GLY B 164 9.01 4.81 -26.63
CA GLY B 164 7.58 4.94 -26.85
C GLY B 164 6.71 3.91 -26.17
N ARG B 165 7.26 3.02 -25.35
CA ARG B 165 6.44 2.09 -24.60
C ARG B 165 6.25 2.61 -23.18
N HIS B 166 5.15 2.21 -22.56
CA HIS B 166 4.91 2.59 -21.17
C HIS B 166 5.61 1.59 -20.24
N ALA B 167 6.51 2.10 -19.42
CA ALA B 167 7.21 1.31 -18.43
C ALA B 167 6.59 1.64 -17.08
N VAL B 168 6.29 0.61 -16.30
CA VAL B 168 5.90 0.79 -14.91
C VAL B 168 7.00 0.21 -14.05
N VAL B 169 7.46 1.00 -13.07
CA VAL B 169 8.47 0.60 -12.10
C VAL B 169 7.82 0.62 -10.73
N VAL B 170 7.85 -0.51 -10.03
CA VAL B 170 7.22 -0.62 -8.72
C VAL B 170 8.35 -0.67 -7.69
N GLY B 171 8.43 0.36 -6.87
CA GLY B 171 9.58 0.53 -5.99
C GLY B 171 10.41 1.72 -6.42
N ARG B 172 10.97 2.43 -5.46
CA ARG B 172 11.72 3.64 -5.75
C ARG B 172 12.99 3.70 -4.91
N SER B 173 13.55 2.54 -4.57
CA SER B 173 14.72 2.53 -3.70
C SER B 173 15.92 3.13 -4.43
N LYS B 174 16.90 3.59 -3.62
CA LYS B 174 18.09 4.26 -4.12
C LYS B 174 18.92 3.35 -5.03
N ILE B 175 18.91 2.05 -4.74
CA ILE B 175 19.78 1.09 -5.41
C ILE B 175 19.12 0.51 -6.66
N VAL B 176 17.79 0.37 -6.66
CA VAL B 176 17.10 -0.25 -7.80
C VAL B 176 16.00 0.61 -8.44
N GLY B 177 14.91 0.86 -7.70
CA GLY B 177 13.73 1.44 -8.32
C GLY B 177 13.94 2.84 -8.87
N ALA B 178 14.57 3.73 -8.09
CA ALA B 178 14.72 5.10 -8.55
C ALA B 178 15.67 5.18 -9.73
N PRO B 179 16.88 4.58 -9.70
CA PRO B 179 17.71 4.60 -10.92
C PRO B 179 17.08 3.83 -12.08
N MET B 180 16.26 2.82 -11.81
CA MET B 180 15.60 2.12 -12.91
C MET B 180 14.64 3.05 -13.64
N HIS B 181 13.93 3.90 -12.90
CA HIS B 181 13.06 4.87 -13.54
C HIS B 181 13.86 5.78 -14.47
N ASP B 182 14.98 6.31 -13.98
CA ASP B 182 15.81 7.21 -14.79
C ASP B 182 16.33 6.49 -16.03
N LEU B 183 16.73 5.23 -15.90
CA LEU B 183 17.31 4.53 -17.04
C LEU B 183 16.27 4.34 -18.14
N LEU B 184 15.08 3.92 -17.76
CA LEU B 184 14.01 3.74 -18.74
C LEU B 184 13.63 5.06 -19.39
N LEU B 185 13.59 6.14 -18.59
CA LEU B 185 13.17 7.42 -19.12
C LEU B 185 14.14 7.92 -20.20
N TRP B 186 15.43 7.91 -19.90
CA TRP B 186 16.39 8.36 -20.89
C TRP B 186 16.62 7.35 -22.00
N ASN B 187 16.12 6.13 -21.85
CA ASN B 187 15.90 5.24 -22.99
C ASN B 187 14.54 5.50 -23.68
N ASN B 188 13.89 6.63 -23.35
CA ASN B 188 12.72 7.21 -24.03
C ASN B 188 11.45 6.40 -23.87
N ALA B 189 11.37 5.54 -22.85
CA ALA B 189 10.05 5.07 -22.41
C ALA B 189 9.31 6.19 -21.68
N THR B 190 7.99 6.08 -21.67
CA THR B 190 7.12 6.82 -20.76
C THR B 190 7.01 6.00 -19.47
N VAL B 191 7.40 6.58 -18.34
CA VAL B 191 7.63 5.81 -17.12
C VAL B 191 6.72 6.29 -16.00
N THR B 192 6.07 5.33 -15.33
CA THR B 192 5.33 5.56 -14.09
C THR B 192 6.04 4.86 -12.94
N THR B 193 6.30 5.58 -11.87
CA THR B 193 6.87 4.99 -10.67
C THR B 193 5.77 4.82 -9.64
N CYS B 194 5.64 3.62 -9.10
CA CYS B 194 4.74 3.29 -8.00
C CYS B 194 5.56 2.92 -6.78
N HIS B 195 4.88 2.87 -5.63
CA HIS B 195 5.54 2.66 -4.34
C HIS B 195 4.45 2.32 -3.33
N SER B 196 4.80 2.33 -2.05
CA SER B 196 3.86 1.84 -1.04
C SER B 196 2.68 2.78 -0.78
N LYS B 197 2.68 4.00 -1.32
CA LYS B 197 1.51 4.87 -1.17
C LYS B 197 0.68 4.95 -2.45
N THR B 198 1.04 4.18 -3.48
CA THR B 198 0.26 4.18 -4.71
C THR B 198 -1.10 3.57 -4.43
N ALA B 199 -2.16 4.25 -4.86
CA ALA B 199 -3.49 3.66 -4.79
C ALA B 199 -3.73 2.80 -6.04
N HIS B 200 -4.57 1.78 -5.89
CA HIS B 200 -4.93 0.93 -7.01
C HIS B 200 -3.68 0.42 -7.73
N LEU B 201 -2.76 -0.13 -6.96
CA LEU B 201 -1.52 -0.61 -7.54
C LEU B 201 -1.79 -1.60 -8.66
N ASP B 202 -2.83 -2.42 -8.52
CA ASP B 202 -3.14 -3.40 -9.55
C ASP B 202 -3.47 -2.73 -10.88
N GLU B 203 -4.27 -1.66 -10.85
CA GLU B 203 -4.61 -0.97 -12.10
C GLU B 203 -3.40 -0.25 -12.68
N GLU B 204 -2.53 0.29 -11.82
CA GLU B 204 -1.31 0.92 -12.30
C GLU B 204 -0.40 -0.11 -12.97
N VAL B 205 -0.22 -1.27 -12.33
CA VAL B 205 0.66 -2.27 -12.92
C VAL B 205 0.15 -2.72 -14.28
N ASN B 206 -1.18 -2.73 -14.45
CA ASN B 206 -1.78 -3.18 -15.71
C ASN B 206 -1.43 -2.29 -16.90
N LYS B 207 -0.90 -1.09 -16.67
CA LYS B 207 -0.56 -0.18 -17.75
C LYS B 207 0.79 -0.50 -18.37
N GLY B 208 1.54 -1.41 -17.80
CA GLY B 208 2.93 -1.57 -18.20
C GLY B 208 3.21 -2.52 -19.33
N ASP B 209 3.56 -1.98 -20.51
CA ASP B 209 4.26 -2.76 -21.52
C ASP B 209 5.55 -3.35 -20.98
N ILE B 210 6.27 -2.57 -20.18
CA ILE B 210 7.45 -3.01 -19.46
C ILE B 210 7.15 -2.83 -17.99
N LEU B 211 7.44 -3.87 -17.20
CA LEU B 211 7.18 -3.86 -15.77
C LEU B 211 8.45 -4.28 -15.05
N VAL B 212 8.97 -3.41 -14.18
CA VAL B 212 10.11 -3.76 -13.33
C VAL B 212 9.65 -3.71 -11.89
N VAL B 213 9.73 -4.84 -11.18
CA VAL B 213 9.24 -4.92 -9.81
C VAL B 213 10.42 -5.09 -8.87
N ALA B 214 10.63 -4.07 -7.99
CA ALA B 214 11.65 -4.15 -6.96
C ALA B 214 11.04 -3.63 -5.67
N THR B 215 10.31 -4.51 -4.97
CA THR B 215 9.60 -4.18 -3.73
C THR B 215 10.04 -4.96 -2.50
N GLY B 216 10.59 -6.16 -2.67
CA GLY B 216 10.88 -6.95 -1.49
C GLY B 216 9.67 -7.57 -0.81
N GLN B 217 8.52 -7.62 -1.47
CA GLN B 217 7.32 -8.27 -0.95
C GLN B 217 7.07 -9.51 -1.78
N PRO B 218 7.18 -10.71 -1.21
CA PRO B 218 7.16 -11.94 -2.03
C PRO B 218 5.86 -12.12 -2.80
N GLU B 219 5.97 -12.24 -4.12
CA GLU B 219 4.83 -12.61 -4.97
C GLU B 219 3.62 -11.70 -4.78
N MET B 220 3.85 -10.43 -4.44
CA MET B 220 2.73 -9.53 -4.21
C MET B 220 2.09 -9.05 -5.51
N VAL B 221 2.90 -8.93 -6.57
CA VAL B 221 2.41 -8.52 -7.88
C VAL B 221 1.83 -9.74 -8.57
N LYS B 222 0.50 -9.77 -8.68
CA LYS B 222 -0.21 -10.95 -9.15
C LYS B 222 -0.27 -10.95 -10.67
N GLY B 223 -0.42 -12.15 -11.23
CA GLY B 223 -0.40 -12.31 -12.67
C GLY B 223 -1.56 -11.66 -13.38
N GLU B 224 -2.74 -11.64 -12.74
CA GLU B 224 -3.88 -10.95 -13.32
C GLU B 224 -3.56 -9.50 -13.63
N TRP B 225 -2.75 -8.88 -12.79
CA TRP B 225 -2.43 -7.46 -12.94
C TRP B 225 -1.64 -7.19 -14.19
N ILE B 226 -1.00 -8.21 -14.76
CA ILE B 226 -0.04 -7.99 -15.83
C ILE B 226 -0.76 -7.66 -17.12
N LYS B 227 -0.31 -6.61 -17.80
CA LYS B 227 -0.82 -6.33 -19.11
C LYS B 227 -0.47 -7.50 -20.03
N PRO B 228 -1.41 -7.98 -20.86
CA PRO B 228 -1.09 -9.10 -21.75
C PRO B 228 0.06 -8.76 -22.69
N GLY B 229 1.06 -9.64 -22.73
CA GLY B 229 2.21 -9.43 -23.59
C GLY B 229 3.28 -8.52 -23.03
N ALA B 230 3.21 -8.19 -21.75
CA ALA B 230 4.20 -7.30 -21.14
C ALA B 230 5.55 -8.00 -20.97
N ILE B 231 6.62 -7.21 -21.02
CA ILE B 231 7.94 -7.64 -20.57
C ILE B 231 8.01 -7.44 -19.06
N VAL B 232 8.16 -8.53 -18.31
CA VAL B 232 8.14 -8.53 -16.85
C VAL B 232 9.55 -8.77 -16.34
N ILE B 233 10.05 -7.86 -15.50
CA ILE B 233 11.38 -7.97 -14.90
C ILE B 233 11.22 -7.97 -13.39
N ASP B 234 11.64 -9.07 -12.74
CA ASP B 234 11.44 -9.29 -11.32
C ASP B 234 12.78 -9.18 -10.60
N CYS B 235 12.94 -8.12 -9.80
CA CYS B 235 14.18 -7.93 -9.07
C CYS B 235 14.18 -8.60 -7.71
N GLY B 236 13.05 -9.14 -7.28
CA GLY B 236 12.97 -9.69 -5.94
C GLY B 236 13.77 -10.98 -5.79
N ILE B 237 14.31 -11.15 -4.58
CA ILE B 237 14.87 -12.42 -4.13
C ILE B 237 14.40 -12.57 -2.69
N ASN B 238 13.43 -13.45 -2.46
CA ASN B 238 12.85 -13.62 -1.13
C ASN B 238 12.94 -15.08 -0.69
N TYR B 239 13.33 -15.29 0.57
CA TYR B 239 13.41 -16.62 1.16
C TYR B 239 12.13 -16.90 1.93
N VAL B 240 11.35 -17.87 1.47
CA VAL B 240 9.99 -18.14 1.94
C VAL B 240 9.82 -19.64 2.13
N PRO B 241 8.76 -20.05 2.87
CA PRO B 241 8.44 -21.48 2.95
C PRO B 241 8.29 -22.16 1.59
N LYS B 250 12.66 -22.14 0.20
CA LYS B 250 12.30 -21.79 -1.19
C LYS B 250 12.51 -20.31 -1.51
N VAL B 251 12.94 -20.03 -2.75
CA VAL B 251 13.29 -18.69 -3.17
C VAL B 251 12.26 -18.21 -4.19
N VAL B 252 11.60 -17.08 -3.91
CA VAL B 252 10.64 -16.51 -4.84
C VAL B 252 10.94 -15.03 -5.06
N GLY B 253 10.39 -14.50 -6.16
CA GLY B 253 10.54 -13.10 -6.50
C GLY B 253 9.39 -12.26 -5.99
N ASP B 254 9.35 -11.01 -6.46
CA ASP B 254 8.26 -10.11 -6.10
C ASP B 254 7.05 -10.26 -7.02
N VAL B 255 7.16 -11.07 -8.07
CA VAL B 255 6.07 -11.32 -9.03
C VAL B 255 5.67 -12.78 -8.91
N ALA B 256 4.37 -13.04 -8.80
CA ALA B 256 3.87 -14.41 -8.74
C ALA B 256 4.14 -15.07 -10.08
N TYR B 257 5.24 -15.83 -10.14
CA TYR B 257 5.81 -16.24 -11.42
C TYR B 257 4.84 -17.13 -12.22
N ASP B 258 4.12 -18.02 -11.53
CA ASP B 258 3.30 -19.01 -12.25
C ASP B 258 2.22 -18.33 -13.09
N GLU B 259 1.47 -17.45 -12.47
CA GLU B 259 0.35 -16.77 -13.18
C GLU B 259 0.90 -15.79 -14.21
N ALA B 260 1.96 -15.06 -13.86
CA ALA B 260 2.49 -14.01 -14.73
C ALA B 260 3.05 -14.57 -16.03
N LYS B 261 3.59 -15.80 -15.99
CA LYS B 261 4.14 -16.41 -17.20
C LYS B 261 3.07 -16.59 -18.26
N GLU B 262 1.80 -16.73 -17.85
CA GLU B 262 0.72 -16.90 -18.82
C GLU B 262 0.39 -15.61 -19.56
N ARG B 263 0.68 -14.45 -18.96
CA ARG B 263 0.34 -13.16 -19.55
C ARG B 263 1.53 -12.47 -20.19
N ALA B 264 2.71 -12.63 -19.60
CA ALA B 264 3.89 -11.96 -20.11
C ALA B 264 4.27 -12.50 -21.49
N SER B 265 4.94 -11.66 -22.28
CA SER B 265 5.62 -12.14 -23.47
C SER B 265 7.06 -12.54 -23.16
N PHE B 266 7.67 -11.91 -22.16
CA PHE B 266 8.98 -12.27 -21.66
C PHE B 266 8.95 -12.13 -20.14
N ILE B 267 9.66 -13.01 -19.44
CA ILE B 267 9.69 -12.95 -17.99
C ILE B 267 11.04 -13.45 -17.49
N THR B 268 11.51 -12.84 -16.43
CA THR B 268 12.70 -13.29 -15.73
C THR B 268 12.30 -14.25 -14.61
N PRO B 269 12.89 -15.45 -14.55
CA PRO B 269 12.63 -16.33 -13.41
C PRO B 269 13.45 -15.91 -12.20
N VAL B 270 13.05 -16.42 -11.04
CA VAL B 270 13.78 -16.21 -9.80
C VAL B 270 14.04 -17.57 -9.17
N PRO B 271 15.29 -17.98 -8.99
CA PRO B 271 16.53 -17.24 -9.33
C PRO B 271 16.97 -17.35 -10.80
N GLY B 272 18.16 -16.84 -11.13
CA GLY B 272 18.71 -16.95 -12.47
C GLY B 272 18.24 -15.91 -13.46
N GLY B 273 17.64 -14.82 -12.98
CA GLY B 273 17.23 -13.73 -13.84
C GLY B 273 18.06 -12.49 -13.61
N VAL B 274 17.53 -11.56 -12.82
CA VAL B 274 18.22 -10.29 -12.58
C VAL B 274 19.51 -10.49 -11.78
N GLY B 275 19.47 -11.35 -10.77
CA GLY B 275 20.59 -11.58 -9.87
C GLY B 275 21.96 -11.71 -10.52
N PRO B 276 22.15 -12.70 -11.41
CA PRO B 276 23.45 -12.80 -12.08
C PRO B 276 23.76 -11.60 -12.95
N MET B 277 22.72 -10.94 -13.49
CA MET B 277 22.96 -9.78 -14.32
C MET B 277 23.50 -8.64 -13.48
N THR B 278 22.95 -8.46 -12.28
CA THR B 278 23.49 -7.51 -11.31
C THR B 278 24.99 -7.71 -11.14
N VAL B 279 25.42 -8.97 -10.95
CA VAL B 279 26.82 -9.21 -10.66
C VAL B 279 27.66 -8.96 -11.90
N ALA B 280 27.17 -9.39 -13.07
CA ALA B 280 27.93 -9.19 -14.28
C ALA B 280 28.14 -7.70 -14.55
N MET B 281 27.10 -6.89 -14.35
CA MET B 281 27.21 -5.45 -14.63
C MET B 281 28.19 -4.75 -13.68
N LEU B 282 28.30 -5.24 -12.44
CA LEU B 282 29.33 -4.70 -11.54
C LEU B 282 30.73 -4.97 -12.07
N MET B 283 30.98 -6.20 -12.51
CA MET B 283 32.26 -6.52 -13.13
C MET B 283 32.54 -5.62 -14.33
N GLN B 284 31.53 -5.39 -15.18
CA GLN B 284 31.69 -4.51 -16.33
C GLN B 284 32.06 -3.09 -15.90
N SER B 285 31.36 -2.54 -14.90
CA SER B 285 31.73 -1.21 -14.40
C SER B 285 33.14 -1.20 -13.80
N THR B 286 33.56 -2.32 -13.20
CA THR B 286 34.90 -2.35 -12.65
C THR B 286 35.95 -2.31 -13.76
N VAL B 287 35.73 -3.10 -14.82
CA VAL B 287 36.66 -3.04 -15.95
C VAL B 287 36.63 -1.66 -16.61
N GLU B 288 35.45 -1.04 -16.67
CA GLU B 288 35.37 0.28 -17.26
C GLU B 288 36.19 1.30 -16.46
N SER B 289 36.13 1.23 -15.12
CA SER B 289 36.94 2.16 -14.33
C SER B 289 38.42 1.84 -14.42
N ALA B 290 38.78 0.56 -14.57
CA ALA B 290 40.19 0.22 -14.77
C ALA B 290 40.71 0.80 -16.07
N LYS B 291 39.92 0.71 -17.15
CA LYS B 291 40.32 1.33 -18.41
C LYS B 291 40.39 2.85 -18.28
N ARG B 292 39.39 3.47 -17.66
CA ARG B 292 39.42 4.91 -17.49
C ARG B 292 40.66 5.32 -16.69
N PHE B 293 41.07 4.51 -15.71
CA PHE B 293 42.26 4.83 -14.94
C PHE B 293 43.51 4.89 -15.81
N LEU B 294 43.56 4.10 -16.89
CA LEU B 294 44.70 4.14 -17.79
C LEU B 294 44.62 5.32 -18.77
N GLU B 295 44.50 6.54 -18.24
CA GLU B 295 44.45 7.77 -19.05
C GLU B 295 44.93 8.99 -18.27
N ALA C 1 -23.89 25.91 10.91
CA ALA C 1 -23.23 25.28 9.76
C ALA C 1 -22.26 24.13 10.12
N PRO C 2 -21.32 24.31 11.05
CA PRO C 2 -20.28 23.29 11.24
C PRO C 2 -20.69 22.16 12.17
N ALA C 3 -20.13 20.98 11.89
CA ALA C 3 -20.40 19.80 12.71
C ALA C 3 -19.79 19.96 14.09
N GLU C 4 -20.45 19.38 15.09
CA GLU C 4 -19.87 19.28 16.43
C GLU C 4 -18.67 18.33 16.39
N ILE C 5 -17.63 18.67 17.16
CA ILE C 5 -16.40 17.90 17.16
C ILE C 5 -16.51 16.80 18.20
N LEU C 6 -16.24 15.57 17.78
CA LEU C 6 -16.18 14.42 18.68
C LEU C 6 -14.76 14.38 19.22
N ASN C 7 -14.57 14.96 20.40
CA ASN C 7 -13.21 15.19 20.88
C ASN C 7 -12.67 13.93 21.55
N GLY C 8 -12.04 13.08 20.74
CA GLY C 8 -11.50 11.83 21.24
C GLY C 8 -10.45 12.00 22.33
N LYS C 9 -9.77 13.13 22.34
CA LYS C 9 -8.79 13.40 23.39
C LYS C 9 -9.48 13.54 24.76
N GLU C 10 -10.58 14.30 24.82
CA GLU C 10 -11.29 14.47 26.09
C GLU C 10 -11.98 13.19 26.51
N ILE C 11 -12.69 12.55 25.58
CA ILE C 11 -13.47 11.36 25.90
C ILE C 11 -12.56 10.22 26.32
N SER C 12 -11.48 10.00 25.58
CA SER C 12 -10.54 8.95 25.99
C SER C 12 -10.01 9.22 27.39
N ALA C 13 -9.79 10.49 27.74
CA ALA C 13 -9.28 10.81 29.08
C ALA C 13 -10.31 10.50 30.17
N GLN C 14 -11.60 10.55 29.84
CA GLN C 14 -12.61 10.15 30.85
C GLN C 14 -12.59 8.63 31.04
N ILE C 15 -12.30 7.89 29.98
CA ILE C 15 -12.22 6.44 30.12
C ILE C 15 -11.00 6.05 30.94
N ARG C 16 -9.84 6.63 30.63
CA ARG C 16 -8.62 6.29 31.38
C ARG C 16 -8.76 6.62 32.85
N ALA C 17 -9.44 7.74 33.17
CA ALA C 17 -9.65 8.10 34.57
C ALA C 17 -10.52 7.06 35.29
N ARG C 18 -11.62 6.65 34.67
CA ARG C 18 -12.47 5.64 35.28
C ARG C 18 -11.74 4.31 35.40
N LEU C 19 -11.01 3.91 34.35
CA LEU C 19 -10.23 2.69 34.42
C LEU C 19 -9.20 2.77 35.53
N LYS C 20 -8.66 3.96 35.78
CA LYS C 20 -7.64 4.14 36.80
C LYS C 20 -8.20 3.85 38.19
N ASN C 21 -9.34 4.48 38.52
CA ASN C 21 -9.92 4.28 39.86
C ASN C 21 -10.36 2.85 40.09
N GLN C 22 -10.84 2.16 39.05
CA GLN C 22 -11.24 0.78 39.28
C GLN C 22 -10.08 -0.20 39.22
N VAL C 23 -8.88 0.23 38.79
CA VAL C 23 -7.67 -0.58 38.93
C VAL C 23 -7.04 -0.35 40.30
N THR C 24 -7.01 0.90 40.76
CA THR C 24 -6.61 1.19 42.13
C THR C 24 -7.53 0.53 43.14
N GLN C 25 -8.77 0.21 42.75
CA GLN C 25 -9.67 -0.53 43.62
C GLN C 25 -9.33 -2.02 43.66
N LEU C 26 -9.04 -2.61 42.49
CA LEU C 26 -8.64 -4.02 42.47
C LEU C 26 -7.34 -4.24 43.22
N LYS C 27 -6.40 -3.29 43.09
CA LYS C 27 -5.12 -3.37 43.80
C LYS C 27 -5.29 -3.25 45.31
N GLU C 28 -6.42 -2.70 45.77
CA GLU C 28 -6.73 -2.70 47.19
C GLU C 28 -7.51 -3.96 47.58
N GLN C 29 -8.55 -4.28 46.82
CA GLN C 29 -9.42 -5.40 47.18
C GLN C 29 -8.67 -6.74 47.17
N VAL C 30 -7.73 -6.90 46.24
CA VAL C 30 -6.92 -8.12 46.15
C VAL C 30 -5.46 -7.72 46.23
N PRO C 31 -4.88 -7.62 47.43
CA PRO C 31 -3.58 -6.96 47.56
C PRO C 31 -2.51 -7.69 46.77
N GLY C 32 -1.55 -6.91 46.25
CA GLY C 32 -0.47 -7.44 45.46
C GLY C 32 -0.84 -7.81 44.03
N PHE C 33 -2.11 -7.71 43.65
CA PHE C 33 -2.53 -8.00 42.30
C PHE C 33 -2.28 -6.80 41.41
N THR C 34 -1.79 -7.06 40.21
CA THR C 34 -1.54 -6.00 39.25
C THR C 34 -1.88 -6.46 37.84
N PRO C 35 -2.79 -5.77 37.15
CA PRO C 35 -3.16 -6.16 35.79
C PRO C 35 -2.01 -5.96 34.82
N ARG C 36 -1.73 -6.97 34.01
CA ARG C 36 -0.52 -6.98 33.21
C ARG C 36 -0.84 -7.20 31.74
N LEU C 37 -0.29 -6.32 30.90
CA LEU C 37 -0.37 -6.39 29.45
C LEU C 37 1.02 -6.61 28.89
N ALA C 38 1.14 -7.44 27.86
CA ALA C 38 2.40 -7.58 27.14
C ALA C 38 2.22 -7.17 25.68
N ILE C 39 3.17 -6.43 25.14
CA ILE C 39 3.15 -6.06 23.73
C ILE C 39 4.39 -6.67 23.09
N LEU C 40 4.17 -7.47 22.06
CA LEU C 40 5.26 -8.11 21.32
C LEU C 40 5.44 -7.38 19.98
N GLN C 41 6.68 -6.97 19.72
CA GLN C 41 7.06 -6.23 18.53
C GLN C 41 8.16 -6.99 17.82
N VAL C 42 8.04 -7.16 16.51
CA VAL C 42 9.12 -7.69 15.68
C VAL C 42 9.65 -6.56 14.81
N GLY C 43 10.92 -6.22 14.99
CA GLY C 43 11.55 -5.16 14.24
C GLY C 43 11.53 -3.83 14.96
N ASN C 44 11.75 -2.78 14.18
CA ASN C 44 11.89 -1.43 14.72
C ASN C 44 11.24 -0.40 13.80
N ARG C 45 10.04 -0.70 13.30
CA ARG C 45 9.31 0.28 12.49
C ARG C 45 9.02 1.54 13.30
N ASP C 46 9.25 2.70 12.68
CA ASP C 46 9.15 3.96 13.42
C ASP C 46 7.73 4.21 13.95
N ASP C 47 6.71 4.05 13.10
CA ASP C 47 5.34 4.27 13.57
C ASP C 47 4.97 3.30 14.69
N SER C 48 5.39 2.04 14.57
CA SER C 48 5.11 1.04 15.60
C SER C 48 5.73 1.40 16.95
N ASN C 49 6.95 1.97 16.93
CA ASN C 49 7.56 2.47 18.15
C ASN C 49 6.72 3.58 18.78
N LEU C 50 6.17 4.48 17.96
CA LEU C 50 5.35 5.53 18.54
C LEU C 50 4.10 4.95 19.18
N TYR C 51 3.33 4.14 18.41
CA TYR C 51 2.07 3.61 18.92
C TYR C 51 2.28 2.73 20.15
N ILE C 52 3.43 2.07 20.25
CA ILE C 52 3.69 1.24 21.43
C ILE C 52 3.92 2.12 22.66
N ASN C 53 4.75 3.17 22.53
CA ASN C 53 5.01 4.05 23.68
C ASN C 53 3.75 4.76 24.14
N VAL C 54 2.89 5.15 23.19
CA VAL C 54 1.60 5.75 23.55
C VAL C 54 0.75 4.76 24.33
N LYS C 55 0.75 3.49 23.91
CA LYS C 55 0.04 2.45 24.65
C LYS C 55 0.67 2.21 26.03
N LEU C 56 2.00 2.15 26.10
CA LEU C 56 2.67 1.96 27.39
C LEU C 56 2.42 3.14 28.32
N LYS C 57 2.43 4.36 27.79
CA LYS C 57 2.14 5.52 28.62
C LYS C 57 0.75 5.43 29.25
N ALA C 58 -0.26 5.07 28.44
CA ALA C 58 -1.62 4.97 28.96
C ALA C 58 -1.70 3.91 30.05
N ALA C 59 -1.08 2.75 29.83
CA ALA C 59 -1.07 1.71 30.84
C ALA C 59 -0.44 2.22 32.14
N GLU C 60 0.73 2.86 32.03
CA GLU C 60 1.40 3.40 33.21
C GLU C 60 0.51 4.39 33.95
N GLU C 61 -0.28 5.19 33.22
CA GLU C 61 -1.10 6.19 33.90
C GLU C 61 -2.29 5.55 34.61
N ILE C 62 -2.73 4.39 34.14
CA ILE C 62 -3.91 3.74 34.71
C ILE C 62 -3.55 2.81 35.88
N GLY C 63 -2.31 2.32 35.94
CA GLY C 63 -1.93 1.31 36.91
C GLY C 63 -1.68 -0.06 36.31
N ILE C 64 -1.79 -0.21 35.00
CA ILE C 64 -1.57 -1.48 34.33
C ILE C 64 -0.08 -1.65 34.11
N LYS C 65 0.46 -2.79 34.57
CA LYS C 65 1.82 -3.17 34.24
C LYS C 65 1.88 -3.55 32.76
N ALA C 66 2.70 -2.86 31.98
CA ALA C 66 2.82 -3.11 30.55
C ALA C 66 4.28 -3.41 30.19
N THR C 67 4.49 -4.53 29.49
CA THR C 67 5.82 -4.99 29.12
C THR C 67 5.98 -4.95 27.60
N HIS C 68 7.02 -4.28 27.14
CA HIS C 68 7.35 -4.21 25.73
C HIS C 68 8.43 -5.25 25.46
N ILE C 69 8.08 -6.31 24.74
CA ILE C 69 9.05 -7.31 24.28
C ILE C 69 9.34 -7.00 22.82
N LYS C 70 10.56 -6.54 22.53
CA LYS C 70 10.96 -6.14 21.18
C LYS C 70 11.97 -7.14 20.62
N LEU C 71 11.52 -7.96 19.71
CA LEU C 71 12.46 -8.88 19.10
C LEU C 71 13.12 -8.23 17.88
N PRO C 72 14.38 -8.54 17.60
CA PRO C 72 15.06 -7.94 16.44
C PRO C 72 14.52 -8.49 15.14
N ARG C 73 14.72 -7.72 14.06
CA ARG C 73 14.20 -8.13 12.76
C ARG C 73 14.83 -9.44 12.25
N THR C 74 16.01 -9.80 12.78
CA THR C 74 16.61 -11.10 12.48
C THR C 74 15.74 -12.28 12.95
N THR C 75 14.79 -12.01 13.85
CA THR C 75 13.99 -13.07 14.47
C THR C 75 13.30 -13.93 13.42
N THR C 76 13.26 -15.24 13.68
CA THR C 76 12.60 -16.23 12.85
C THR C 76 11.17 -16.52 13.35
N GLU C 77 10.38 -17.17 12.49
CA GLU C 77 9.00 -17.50 12.85
C GLU C 77 8.95 -18.42 14.06
N SER C 78 9.77 -19.48 14.07
CA SER C 78 9.81 -20.37 15.22
C SER C 78 10.23 -19.63 16.48
N GLU C 79 11.05 -18.58 16.34
CA GLU C 79 11.44 -17.79 17.50
C GLU C 79 10.26 -16.99 18.05
N VAL C 80 9.46 -16.38 17.17
CA VAL C 80 8.27 -15.66 17.62
C VAL C 80 7.33 -16.59 18.35
N MET C 81 7.01 -17.73 17.73
CA MET C 81 6.06 -18.67 18.32
C MET C 81 6.51 -19.15 19.70
N LYS C 82 7.81 -19.27 19.92
CA LYS C 82 8.29 -19.59 21.25
C LYS C 82 7.90 -18.50 22.23
N TYR C 83 7.98 -17.23 21.82
CA TYR C 83 7.58 -16.13 22.70
C TYR C 83 6.09 -16.12 22.95
N ILE C 84 5.29 -16.53 21.97
CA ILE C 84 3.85 -16.47 22.15
C ILE C 84 3.38 -17.62 23.04
N THR C 85 3.94 -18.81 22.84
CA THR C 85 3.66 -19.91 23.77
C THR C 85 3.98 -19.49 25.21
N SER C 86 5.11 -18.82 25.40
CA SER C 86 5.50 -18.40 26.75
C SER C 86 4.50 -17.40 27.35
N LEU C 87 3.99 -16.46 26.53
CA LEU C 87 3.00 -15.51 27.05
C LEU C 87 1.65 -16.18 27.30
N ASN C 88 1.32 -17.20 26.51
CA ASN C 88 0.07 -17.93 26.73
C ASN C 88 0.09 -18.65 28.08
N GLU C 89 1.24 -19.22 28.45
CA GLU C 89 1.34 -20.03 29.65
C GLU C 89 1.74 -19.22 30.89
N ASP C 90 2.06 -17.94 30.74
CA ASP C 90 2.44 -17.11 31.87
C ASP C 90 1.19 -16.54 32.52
N SER C 91 0.84 -17.05 33.71
CA SER C 91 -0.38 -16.67 34.39
C SER C 91 -0.40 -15.22 34.85
N THR C 92 0.77 -14.57 34.96
CA THR C 92 0.81 -13.16 35.37
C THR C 92 0.47 -12.22 34.24
N VAL C 93 0.44 -12.69 32.99
CA VAL C 93 0.14 -11.88 31.81
C VAL C 93 -1.31 -12.14 31.42
N HIS C 94 -2.17 -11.15 31.66
CA HIS C 94 -3.60 -11.31 31.42
C HIS C 94 -4.01 -11.01 29.99
N GLY C 95 -3.30 -10.10 29.32
CA GLY C 95 -3.52 -9.88 27.89
C GLY C 95 -2.22 -9.55 27.20
N PHE C 96 -2.11 -9.96 25.94
CA PHE C 96 -0.96 -9.51 25.16
C PHE C 96 -1.40 -9.34 23.71
N LEU C 97 -0.64 -8.52 22.98
CA LEU C 97 -0.87 -8.31 21.55
C LEU C 97 0.46 -8.31 20.81
N VAL C 98 0.37 -8.59 19.52
CA VAL C 98 1.49 -8.46 18.60
C VAL C 98 1.24 -7.21 17.76
N GLN C 99 2.05 -6.17 17.97
CA GLN C 99 1.91 -4.96 17.17
C GLN C 99 2.19 -5.27 15.70
N LEU C 100 1.22 -4.94 14.83
CA LEU C 100 1.31 -5.20 13.40
C LEU C 100 1.63 -3.93 12.61
N PRO C 101 2.29 -4.04 11.45
CA PRO C 101 2.81 -5.27 10.81
C PRO C 101 4.16 -5.72 11.37
N LEU C 102 4.51 -7.00 11.24
CA LEU C 102 5.85 -7.45 11.64
C LEU C 102 6.90 -6.96 10.66
N ASP C 103 8.02 -6.49 11.19
CA ASP C 103 9.15 -6.01 10.40
C ASP C 103 10.32 -6.98 10.64
N SER C 104 10.46 -7.95 9.74
CA SER C 104 11.50 -8.97 9.88
C SER C 104 12.31 -9.06 8.60
N GLU C 105 13.60 -9.40 8.77
CA GLU C 105 14.40 -9.82 7.64
C GLU C 105 13.82 -11.07 6.98
N ASN C 106 13.20 -11.95 7.77
CA ASN C 106 12.65 -13.21 7.31
C ASN C 106 11.14 -13.11 7.13
N SER C 107 10.60 -13.98 6.29
CA SER C 107 9.16 -14.02 6.03
C SER C 107 8.48 -14.83 7.13
N ILE C 108 7.76 -14.14 8.02
CA ILE C 108 6.99 -14.77 9.09
C ILE C 108 5.52 -14.77 8.71
N ASN C 109 4.90 -15.94 8.79
CA ASN C 109 3.47 -16.11 8.53
C ASN C 109 2.67 -15.42 9.62
N THR C 110 2.13 -14.23 9.29
CA THR C 110 1.49 -13.40 10.30
C THR C 110 0.24 -14.06 10.87
N GLU C 111 -0.56 -14.73 10.03
CA GLU C 111 -1.76 -15.41 10.51
C GLU C 111 -1.42 -16.55 11.46
N GLU C 112 -0.36 -17.30 11.16
CA GLU C 112 0.06 -18.36 12.09
C GLU C 112 0.44 -17.77 13.45
N VAL C 113 1.15 -16.65 13.45
CA VAL C 113 1.58 -16.04 14.71
C VAL C 113 0.40 -15.51 15.51
N ILE C 114 -0.48 -14.76 14.85
CA ILE C 114 -1.59 -14.14 15.58
C ILE C 114 -2.51 -15.22 16.14
N ASN C 115 -2.74 -16.25 15.35
CA ASN C 115 -3.69 -17.27 15.75
C ASN C 115 -3.14 -18.25 16.78
N ALA C 116 -1.85 -18.14 17.12
CA ALA C 116 -1.33 -18.86 18.26
C ALA C 116 -1.67 -18.19 19.57
N ILE C 117 -2.16 -16.94 19.54
CA ILE C 117 -2.49 -16.22 20.76
C ILE C 117 -3.69 -16.88 21.43
N ALA C 118 -3.62 -17.08 22.74
CA ALA C 118 -4.75 -17.64 23.48
C ALA C 118 -5.93 -16.69 23.41
N PRO C 119 -7.08 -17.11 22.87
CA PRO C 119 -8.24 -16.20 22.77
C PRO C 119 -8.56 -15.47 24.05
N GLU C 120 -8.32 -16.08 25.21
CA GLU C 120 -8.65 -15.42 26.46
C GLU C 120 -7.71 -14.25 26.76
N LYS C 121 -6.54 -14.21 26.12
CA LYS C 121 -5.59 -13.12 26.29
C LYS C 121 -5.53 -12.19 25.09
N ASP C 122 -6.32 -12.43 24.05
CA ASP C 122 -6.27 -11.71 22.78
C ASP C 122 -7.00 -10.37 22.90
N VAL C 123 -6.44 -9.48 23.70
CA VAL C 123 -7.09 -8.18 23.98
C VAL C 123 -7.20 -7.33 22.73
N ASP C 124 -6.39 -7.58 21.71
CA ASP C 124 -6.50 -6.86 20.46
C ASP C 124 -7.61 -7.39 19.57
N GLY C 125 -8.21 -8.52 19.93
CA GLY C 125 -9.26 -9.09 19.10
C GLY C 125 -8.79 -9.56 17.74
N LEU C 126 -7.54 -9.97 17.62
CA LEU C 126 -6.97 -10.31 16.33
C LEU C 126 -7.14 -11.78 15.93
N THR C 127 -7.35 -12.71 16.87
CA THR C 127 -7.42 -14.12 16.51
C THR C 127 -8.67 -14.43 15.70
N SER C 128 -8.55 -15.45 14.83
CA SER C 128 -9.70 -15.87 14.03
C SER C 128 -10.88 -16.26 14.92
N ILE C 129 -10.61 -16.86 16.08
CA ILE C 129 -11.66 -17.26 17.01
C ILE C 129 -12.41 -16.02 17.52
N ASN C 130 -11.68 -14.97 17.89
CA ASN C 130 -12.39 -13.81 18.41
C ASN C 130 -13.12 -13.08 17.31
N ALA C 131 -12.55 -13.05 16.12
CA ALA C 131 -13.21 -12.39 15.00
C ALA C 131 -14.45 -13.15 14.57
N GLY C 132 -14.39 -14.49 14.60
CA GLY C 132 -15.52 -15.29 14.19
C GLY C 132 -16.71 -15.13 15.11
N ARG C 133 -16.46 -15.00 16.41
CA ARG C 133 -17.55 -14.68 17.33
C ARG C 133 -18.15 -13.31 17.04
N LEU C 134 -17.30 -12.28 16.91
CA LEU C 134 -17.82 -10.96 16.54
C LEU C 134 -18.61 -11.02 15.24
N ALA C 135 -18.08 -11.71 14.23
CA ALA C 135 -18.71 -11.67 12.91
C ALA C 135 -20.05 -12.38 12.86
N ARG C 136 -20.35 -13.23 13.86
CA ARG C 136 -21.60 -13.97 13.89
C ARG C 136 -22.51 -13.52 15.02
N GLY C 137 -22.17 -12.44 15.71
CA GLY C 137 -23.07 -11.84 16.67
C GLY C 137 -22.79 -12.11 18.14
N ASP C 138 -21.85 -13.02 18.46
CA ASP C 138 -21.58 -13.41 19.84
C ASP C 138 -20.66 -12.40 20.53
N LEU C 139 -21.21 -11.21 20.79
CA LEU C 139 -20.38 -10.07 21.17
C LEU C 139 -19.84 -10.16 22.60
N ASN C 140 -20.48 -10.93 23.48
CA ASN C 140 -20.06 -11.02 24.87
C ASN C 140 -19.12 -12.18 25.13
N ASP C 141 -18.75 -12.93 24.09
CA ASP C 141 -17.80 -14.03 24.22
C ASP C 141 -16.46 -13.72 23.56
N CYS C 142 -16.18 -12.46 23.25
CA CYS C 142 -14.98 -12.18 22.47
C CYS C 142 -14.41 -10.81 22.83
N PHE C 143 -13.13 -10.65 22.53
CA PHE C 143 -12.51 -9.34 22.47
C PHE C 143 -12.77 -8.72 21.11
N ILE C 144 -13.17 -7.45 21.12
CA ILE C 144 -13.46 -6.71 19.90
C ILE C 144 -12.26 -5.81 19.60
N PRO C 145 -11.77 -5.76 18.37
CA PRO C 145 -10.65 -4.86 18.04
C PRO C 145 -10.86 -3.43 18.57
N CYS C 146 -9.78 -2.87 19.08
CA CYS C 146 -9.86 -1.63 19.88
C CYS C 146 -10.27 -0.41 19.06
N THR C 147 -9.81 -0.31 17.81
CA THR C 147 -10.23 0.84 16.99
C THR C 147 -11.72 0.78 16.69
N PRO C 148 -12.31 -0.35 16.29
CA PRO C 148 -13.78 -0.39 16.20
C PRO C 148 -14.46 -0.14 17.53
N LYS C 149 -13.91 -0.62 18.65
CA LYS C 149 -14.50 -0.29 19.95
C LYS C 149 -14.52 1.22 20.16
N GLY C 150 -13.39 1.87 19.89
CA GLY C 150 -13.31 3.30 20.09
C GLY C 150 -14.20 4.07 19.13
N CYS C 151 -14.39 3.56 17.93
CA CYS C 151 -15.31 4.21 17.01
C CYS C 151 -16.74 4.12 17.54
N LEU C 152 -17.14 2.94 18.06
CA LEU C 152 -18.51 2.75 18.54
C LEU C 152 -18.82 3.67 19.70
N GLU C 153 -17.86 3.84 20.61
CA GLU C 153 -18.06 4.76 21.73
C GLU C 153 -18.14 6.21 21.29
N LEU C 154 -17.44 6.56 20.20
CA LEU C 154 -17.55 7.92 19.67
C LEU C 154 -18.91 8.16 19.02
N ILE C 155 -19.44 7.16 18.32
CA ILE C 155 -20.77 7.28 17.75
C ILE C 155 -21.82 7.42 18.84
N LYS C 156 -21.73 6.59 19.89
CA LYS C 156 -22.69 6.69 20.98
C LYS C 156 -22.64 8.05 21.67
N GLU C 157 -21.47 8.67 21.76
CA GLU C 157 -21.36 10.00 22.36
C GLU C 157 -22.20 11.05 21.63
N THR C 158 -22.59 10.81 20.38
CA THR C 158 -23.47 11.74 19.69
C THR C 158 -24.86 11.81 20.30
N GLY C 159 -25.29 10.78 21.03
CA GLY C 159 -26.67 10.68 21.46
C GLY C 159 -27.61 10.11 20.44
N VAL C 160 -27.14 9.80 19.24
CA VAL C 160 -27.99 9.42 18.12
C VAL C 160 -28.09 7.90 18.10
N PRO C 161 -29.27 7.31 18.31
CA PRO C 161 -29.38 5.85 18.29
C PRO C 161 -28.87 5.25 16.98
N ILE C 162 -28.21 4.10 17.09
CA ILE C 162 -27.64 3.45 15.92
C ILE C 162 -28.69 2.61 15.20
N ALA C 163 -29.63 2.01 15.94
CA ALA C 163 -30.57 1.06 15.35
C ALA C 163 -31.39 1.73 14.25
N GLY C 164 -31.48 1.06 13.10
CA GLY C 164 -32.24 1.58 11.99
C GLY C 164 -31.50 2.52 11.06
N ARG C 165 -30.37 3.10 11.47
CA ARG C 165 -29.61 3.97 10.58
C ARG C 165 -28.90 3.14 9.49
N HIS C 166 -28.59 3.80 8.38
CA HIS C 166 -27.74 3.22 7.36
C HIS C 166 -26.29 3.66 7.62
N ALA C 167 -25.41 2.69 7.82
CA ALA C 167 -23.99 2.95 8.06
C ALA C 167 -23.19 2.49 6.86
N VAL C 168 -22.16 3.25 6.54
CA VAL C 168 -21.23 2.94 5.46
C VAL C 168 -19.84 2.82 6.06
N VAL C 169 -19.18 1.71 5.77
CA VAL C 169 -17.81 1.49 6.20
C VAL C 169 -16.95 1.47 4.94
N VAL C 170 -15.97 2.35 4.88
CA VAL C 170 -15.04 2.40 3.76
C VAL C 170 -13.76 1.74 4.25
N GLY C 171 -13.44 0.59 3.68
CA GLY C 171 -12.33 -0.22 4.16
C GLY C 171 -12.84 -1.52 4.77
N ARG C 172 -12.08 -2.60 4.56
CA ARG C 172 -12.48 -3.92 5.04
C ARG C 172 -11.31 -4.66 5.68
N SER C 173 -10.36 -3.92 6.23
CA SER C 173 -9.15 -4.52 6.76
C SER C 173 -9.45 -5.28 8.06
N LYS C 174 -8.51 -6.14 8.41
CA LYS C 174 -8.67 -7.09 9.52
C LYS C 174 -8.78 -6.36 10.85
N ILE C 175 -8.01 -5.30 11.03
CA ILE C 175 -7.93 -4.58 12.29
C ILE C 175 -8.99 -3.48 12.43
N VAL C 176 -9.52 -2.95 11.32
CA VAL C 176 -10.48 -1.84 11.43
C VAL C 176 -11.79 -2.03 10.69
N GLY C 177 -11.73 -2.13 9.36
CA GLY C 177 -12.94 -2.07 8.56
C GLY C 177 -13.86 -3.26 8.77
N ALA C 178 -13.34 -4.48 8.64
CA ALA C 178 -14.21 -5.64 8.78
C ALA C 178 -14.81 -5.74 10.17
N PRO C 179 -14.05 -5.67 11.27
CA PRO C 179 -14.70 -5.63 12.59
C PRO C 179 -15.61 -4.42 12.76
N MET C 180 -15.35 -3.30 12.09
CA MET C 180 -16.27 -2.17 12.21
C MET C 180 -17.62 -2.50 11.58
N HIS C 181 -17.62 -3.18 10.45
CA HIS C 181 -18.88 -3.58 9.85
C HIS C 181 -19.69 -4.47 10.79
N ASP C 182 -19.02 -5.46 11.40
CA ASP C 182 -19.69 -6.37 12.32
C ASP C 182 -20.22 -5.66 13.56
N LEU C 183 -19.44 -4.74 14.12
CA LEU C 183 -19.86 -4.03 15.32
C LEU C 183 -21.09 -3.17 15.07
N LEU C 184 -21.12 -2.46 13.93
CA LEU C 184 -22.30 -1.68 13.57
C LEU C 184 -23.50 -2.59 13.31
N LEU C 185 -23.27 -3.71 12.62
CA LEU C 185 -24.35 -4.62 12.29
C LEU C 185 -25.06 -5.11 13.55
N TRP C 186 -24.29 -5.52 14.55
CA TRP C 186 -24.92 -6.09 15.72
C TRP C 186 -25.39 -5.03 16.70
N ASN C 187 -25.16 -3.76 16.37
CA ASN C 187 -25.89 -2.66 16.97
C ASN C 187 -27.09 -2.24 16.11
N ASN C 188 -27.42 -3.05 15.10
CA ASN C 188 -28.66 -2.99 14.31
C ASN C 188 -28.71 -1.80 13.36
N ALA C 189 -27.56 -1.32 12.90
CA ALA C 189 -27.54 -0.51 11.71
C ALA C 189 -27.71 -1.41 10.49
N THR C 190 -28.27 -0.84 9.43
CA THR C 190 -28.06 -1.40 8.11
C THR C 190 -26.69 -0.91 7.63
N VAL C 191 -25.85 -1.85 7.19
CA VAL C 191 -24.43 -1.56 6.93
C VAL C 191 -24.09 -1.91 5.49
N THR C 192 -23.48 -0.95 4.80
CA THR C 192 -22.85 -1.14 3.50
C THR C 192 -21.33 -1.11 3.67
N THR C 193 -20.63 -2.10 3.13
CA THR C 193 -19.17 -2.09 3.16
C THR C 193 -18.61 -1.77 1.77
N CYS C 194 -17.69 -0.79 1.74
CA CYS C 194 -16.98 -0.29 0.57
C CYS C 194 -15.49 -0.61 0.69
N HIS C 195 -14.83 -0.69 -0.47
CA HIS C 195 -13.42 -1.04 -0.60
C HIS C 195 -12.94 -0.57 -1.98
N SER C 196 -11.72 -0.97 -2.35
CA SER C 196 -11.07 -0.41 -3.53
C SER C 196 -11.73 -0.81 -4.84
N LYS C 197 -12.61 -1.80 -4.86
CA LYS C 197 -13.31 -2.19 -6.06
C LYS C 197 -14.75 -1.68 -6.11
N THR C 198 -15.12 -0.82 -5.17
CA THR C 198 -16.48 -0.28 -5.14
C THR C 198 -16.65 0.73 -6.26
N ALA C 199 -17.69 0.55 -7.07
CA ALA C 199 -18.08 1.52 -8.08
C ALA C 199 -18.84 2.67 -7.42
N HIS C 200 -18.68 3.86 -8.00
CA HIS C 200 -19.40 5.05 -7.55
C HIS C 200 -19.30 5.22 -6.03
N LEU C 201 -18.07 5.23 -5.54
CA LEU C 201 -17.84 5.35 -4.10
C LEU C 201 -18.51 6.60 -3.53
N ASP C 202 -18.55 7.68 -4.32
CA ASP C 202 -19.19 8.92 -3.87
C ASP C 202 -20.67 8.71 -3.55
N GLU C 203 -21.39 7.99 -4.42
CA GLU C 203 -22.80 7.73 -4.15
C GLU C 203 -22.99 6.78 -2.97
N GLU C 204 -22.13 5.76 -2.84
CA GLU C 204 -22.24 4.85 -1.71
C GLU C 204 -22.02 5.57 -0.39
N VAL C 205 -21.01 6.43 -0.34
CA VAL C 205 -20.72 7.23 0.85
C VAL C 205 -21.90 8.14 1.18
N ASN C 206 -22.53 8.70 0.16
CA ASN C 206 -23.62 9.63 0.39
C ASN C 206 -24.85 8.96 1.00
N LYS C 207 -24.91 7.63 1.01
CA LYS C 207 -25.97 6.89 1.70
C LYS C 207 -25.80 6.89 3.23
N GLY C 208 -24.65 7.28 3.75
CA GLY C 208 -24.32 6.99 5.14
C GLY C 208 -24.74 7.97 6.20
N ASP C 209 -25.79 7.62 6.97
CA ASP C 209 -26.11 8.35 8.20
C ASP C 209 -24.95 8.29 9.18
N ILE C 210 -24.29 7.14 9.24
CA ILE C 210 -23.06 6.94 9.99
C ILE C 210 -22.02 6.55 8.94
N LEU C 211 -20.86 7.18 9.02
CA LEU C 211 -19.79 6.89 8.07
C LEU C 211 -18.52 6.66 8.86
N VAL C 212 -17.88 5.51 8.62
CA VAL C 212 -16.58 5.19 9.20
C VAL C 212 -15.65 4.90 8.02
N VAL C 213 -14.56 5.65 7.94
CA VAL C 213 -13.61 5.59 6.84
C VAL C 213 -12.29 5.07 7.42
N ALA C 214 -11.81 3.96 6.90
CA ALA C 214 -10.48 3.48 7.27
C ALA C 214 -9.84 2.92 6.01
N THR C 215 -9.27 3.83 5.21
CA THR C 215 -8.66 3.45 3.94
C THR C 215 -7.16 3.67 3.92
N GLY C 216 -6.65 4.54 4.79
CA GLY C 216 -5.27 4.96 4.71
C GLY C 216 -4.93 5.71 3.44
N GLN C 217 -5.87 6.48 2.89
CA GLN C 217 -5.59 7.37 1.76
C GLN C 217 -5.93 8.79 2.20
N PRO C 218 -4.96 9.69 2.28
CA PRO C 218 -5.18 10.99 2.96
C PRO C 218 -6.25 11.85 2.27
N GLU C 219 -7.27 12.22 3.05
CA GLU C 219 -8.42 13.01 2.63
C GLU C 219 -8.99 12.60 1.28
N MET C 220 -9.05 11.29 1.01
CA MET C 220 -9.63 10.85 -0.26
C MET C 220 -11.16 10.91 -0.24
N VAL C 221 -11.81 10.76 0.90
CA VAL C 221 -13.27 10.87 0.93
C VAL C 221 -13.62 12.35 1.00
N LYS C 222 -14.17 12.87 -0.10
CA LYS C 222 -14.44 14.29 -0.24
C LYS C 222 -15.60 14.73 0.66
N GLY C 223 -15.57 16.00 1.08
CA GLY C 223 -16.70 16.53 1.83
C GLY C 223 -17.98 16.56 1.02
N GLU C 224 -17.87 16.75 -0.30
CA GLU C 224 -19.03 16.81 -1.17
C GLU C 224 -19.83 15.51 -1.20
N TRP C 225 -19.20 14.37 -0.84
CA TRP C 225 -19.87 13.08 -0.84
C TRP C 225 -20.68 12.82 0.42
N ILE C 226 -20.35 13.49 1.52
CA ILE C 226 -20.95 13.17 2.80
C ILE C 226 -22.45 13.46 2.75
N LYS C 227 -23.24 12.53 3.26
CA LYS C 227 -24.66 12.79 3.41
C LYS C 227 -24.86 13.92 4.43
N PRO C 228 -25.63 14.95 4.10
CA PRO C 228 -25.87 16.01 5.07
C PRO C 228 -26.46 15.48 6.37
N GLY C 229 -25.93 15.95 7.50
CA GLY C 229 -26.34 15.46 8.80
C GLY C 229 -25.61 14.22 9.32
N ALA C 230 -24.69 13.65 8.54
CA ALA C 230 -24.05 12.38 8.90
C ALA C 230 -23.15 12.50 10.13
N ILE C 231 -22.98 11.38 10.84
CA ILE C 231 -21.91 11.21 11.82
C ILE C 231 -20.70 10.61 11.08
N VAL C 232 -19.59 11.32 11.07
CA VAL C 232 -18.41 10.90 10.31
C VAL C 232 -17.28 10.52 11.28
N ILE C 233 -16.78 9.30 11.15
CA ILE C 233 -15.68 8.81 11.99
C ILE C 233 -14.49 8.54 11.09
N ASP C 234 -13.38 9.22 11.36
CA ASP C 234 -12.21 9.19 10.49
C ASP C 234 -11.11 8.43 11.23
N CYS C 235 -10.85 7.18 10.82
CA CYS C 235 -9.79 6.39 11.41
C CYS C 235 -8.42 6.65 10.81
N GLY C 236 -8.36 7.38 9.70
CA GLY C 236 -7.08 7.55 9.03
C GLY C 236 -6.08 8.27 9.90
N ILE C 237 -4.83 7.80 9.87
CA ILE C 237 -3.70 8.51 10.46
C ILE C 237 -2.59 8.47 9.40
N ASN C 238 -2.54 9.48 8.54
CA ASN C 238 -1.60 9.50 7.43
C ASN C 238 -0.55 10.58 7.64
N TYR C 239 0.73 10.20 7.54
CA TYR C 239 1.84 11.14 7.69
C TYR C 239 2.28 11.56 6.29
N VAL C 240 1.83 12.73 5.85
CA VAL C 240 2.13 13.24 4.52
C VAL C 240 3.32 14.18 4.66
N PRO C 241 4.28 14.14 3.72
CA PRO C 241 5.48 14.99 3.85
C PRO C 241 5.10 16.47 3.88
N ASP C 242 5.73 17.21 4.78
CA ASP C 242 5.42 18.62 4.97
C ASP C 242 6.74 19.33 5.32
N ASP C 243 7.32 20.03 4.34
CA ASP C 243 8.63 20.63 4.56
C ASP C 243 8.57 21.88 5.42
N LYS C 244 7.39 22.24 5.95
CA LYS C 244 7.22 23.39 6.83
C LYS C 244 7.01 22.99 8.30
N LYS C 245 7.44 21.79 8.70
CA LYS C 245 7.25 21.34 10.08
C LYS C 245 8.58 20.94 10.74
N GLY C 248 9.30 16.42 10.48
CA GLY C 248 9.11 16.99 9.15
C GLY C 248 7.92 16.49 8.34
N ARG C 249 6.75 16.38 8.97
CA ARG C 249 5.53 15.99 8.27
C ARG C 249 4.34 16.39 9.14
N LYS C 250 3.13 16.12 8.64
CA LYS C 250 1.92 16.37 9.40
C LYS C 250 0.95 15.19 9.27
N VAL C 251 0.07 15.07 10.27
CA VAL C 251 -0.92 14.00 10.32
C VAL C 251 -2.21 14.46 9.67
N VAL C 252 -2.75 13.67 8.75
CA VAL C 252 -4.06 13.95 8.17
C VAL C 252 -4.90 12.68 8.13
N GLY C 253 -6.22 12.86 8.14
CA GLY C 253 -7.17 11.76 8.14
C GLY C 253 -7.49 11.28 6.74
N ASP C 254 -8.37 10.27 6.69
CA ASP C 254 -8.89 9.77 5.44
C ASP C 254 -10.03 10.63 4.88
N VAL C 255 -10.53 11.61 5.63
CA VAL C 255 -11.69 12.40 5.22
C VAL C 255 -11.26 13.86 5.04
N ALA C 256 -11.67 14.48 3.93
CA ALA C 256 -11.34 15.87 3.64
C ALA C 256 -12.10 16.73 4.64
N TYR C 257 -11.43 17.05 5.75
CA TYR C 257 -12.12 17.47 6.97
C TYR C 257 -12.79 18.83 6.81
N ASP C 258 -12.12 19.78 6.14
CA ASP C 258 -12.63 21.15 6.04
C ASP C 258 -13.96 21.19 5.31
N GLU C 259 -14.11 20.43 4.23
CA GLU C 259 -15.42 20.35 3.60
C GLU C 259 -16.40 19.49 4.40
N ALA C 260 -15.94 18.31 4.88
CA ALA C 260 -16.83 17.39 5.57
C ALA C 260 -17.43 17.98 6.84
N LYS C 261 -16.71 18.87 7.52
CA LYS C 261 -17.32 19.45 8.71
C LYS C 261 -18.50 20.38 8.40
N GLU C 262 -18.69 20.78 7.14
CA GLU C 262 -19.84 21.59 6.79
C GLU C 262 -21.04 20.76 6.33
N ARG C 263 -20.86 19.46 6.16
CA ARG C 263 -21.97 18.59 5.77
C ARG C 263 -22.39 17.65 6.88
N ALA C 264 -21.44 17.19 7.70
CA ALA C 264 -21.73 16.29 8.80
C ALA C 264 -22.40 17.04 9.96
N SER C 265 -23.08 16.26 10.81
CA SER C 265 -23.59 16.76 12.09
C SER C 265 -22.62 16.52 13.25
N PHE C 266 -21.80 15.46 13.20
CA PHE C 266 -20.71 15.25 14.14
C PHE C 266 -19.52 14.70 13.37
N ILE C 267 -18.31 15.07 13.81
CA ILE C 267 -17.12 14.65 13.09
C ILE C 267 -15.96 14.53 14.05
N THR C 268 -15.11 13.48 13.84
CA THR C 268 -13.85 13.26 14.55
C THR C 268 -12.74 14.04 13.86
N PRO C 269 -11.94 14.80 14.60
CA PRO C 269 -10.76 15.43 14.00
C PRO C 269 -9.61 14.43 13.93
N VAL C 270 -8.64 14.74 13.08
CA VAL C 270 -7.38 13.99 13.00
C VAL C 270 -6.25 15.00 13.06
N PRO C 271 -5.42 14.99 14.10
CA PRO C 271 -5.41 14.01 15.21
C PRO C 271 -6.43 14.34 16.31
N GLY C 272 -6.36 13.62 17.43
CA GLY C 272 -7.23 13.87 18.59
C GLY C 272 -8.59 13.24 18.50
N GLY C 273 -8.78 12.25 17.63
CA GLY C 273 -10.07 11.63 17.42
C GLY C 273 -10.07 10.15 17.73
N VAL C 274 -10.11 9.32 16.69
CA VAL C 274 -10.09 7.87 16.89
C VAL C 274 -8.82 7.40 17.61
N GLY C 275 -7.69 8.06 17.35
CA GLY C 275 -6.41 7.68 17.90
C GLY C 275 -6.37 7.40 19.40
N PRO C 276 -6.60 8.42 20.23
CA PRO C 276 -6.61 8.20 21.68
C PRO C 276 -7.68 7.23 22.15
N MET C 277 -8.83 7.15 21.43
CA MET C 277 -9.86 6.18 21.78
C MET C 277 -9.38 4.76 21.55
N THR C 278 -8.66 4.52 20.45
CA THR C 278 -8.09 3.19 20.20
C THR C 278 -7.26 2.71 21.38
N VAL C 279 -6.44 3.60 21.93
CA VAL C 279 -5.58 3.27 23.04
C VAL C 279 -6.40 3.01 24.30
N ALA C 280 -7.40 3.86 24.55
CA ALA C 280 -8.18 3.74 25.77
C ALA C 280 -8.95 2.42 25.82
N MET C 281 -9.42 1.96 24.65
CA MET C 281 -10.16 0.72 24.59
C MET C 281 -9.27 -0.48 24.84
N LEU C 282 -8.01 -0.41 24.37
CA LEU C 282 -7.07 -1.47 24.66
C LEU C 282 -6.84 -1.58 26.16
N MET C 283 -6.71 -0.46 26.85
CA MET C 283 -6.60 -0.49 28.30
C MET C 283 -7.88 -1.04 28.94
N GLN C 284 -9.05 -0.71 28.37
CA GLN C 284 -10.31 -1.24 28.88
C GLN C 284 -10.36 -2.76 28.75
N SER C 285 -10.10 -3.29 27.55
CA SER C 285 -10.03 -4.75 27.37
C SER C 285 -9.02 -5.38 28.32
N THR C 286 -7.86 -4.74 28.52
CA THR C 286 -6.83 -5.30 29.40
C THR C 286 -7.35 -5.43 30.83
N VAL C 287 -8.06 -4.41 31.32
CA VAL C 287 -8.62 -4.48 32.66
C VAL C 287 -9.67 -5.60 32.73
N GLU C 288 -10.48 -5.74 31.68
CA GLU C 288 -11.52 -6.77 31.68
C GLU C 288 -10.92 -8.17 31.68
N SER C 289 -9.85 -8.40 30.94
CA SER C 289 -9.27 -9.74 30.95
C SER C 289 -8.68 -10.05 32.33
N ALA C 290 -8.08 -9.04 32.97
CA ALA C 290 -7.58 -9.24 34.33
C ALA C 290 -8.72 -9.59 35.28
N LYS C 291 -9.88 -8.95 35.10
CA LYS C 291 -11.04 -9.27 35.94
C LYS C 291 -11.59 -10.66 35.62
N ARG C 292 -11.64 -11.05 34.34
CA ARG C 292 -12.09 -12.40 34.03
C ARG C 292 -11.13 -13.43 34.62
N PHE C 293 -9.88 -13.04 34.82
CA PHE C 293 -8.89 -13.95 35.40
C PHE C 293 -9.12 -14.14 36.89
N LEU C 294 -9.41 -13.05 37.62
CA LEU C 294 -9.73 -13.15 39.04
C LEU C 294 -11.05 -13.88 39.30
N GLU C 295 -11.88 -14.08 38.28
CA GLU C 295 -13.13 -14.81 38.43
C GLU C 295 -12.95 -16.27 38.00
N PRO D 2 -38.90 -11.21 -18.78
CA PRO D 2 -39.11 -12.41 -17.95
C PRO D 2 -37.80 -13.07 -17.56
N ALA D 3 -37.61 -13.30 -16.26
CA ALA D 3 -36.32 -13.74 -15.75
C ALA D 3 -35.93 -15.11 -16.32
N GLU D 4 -34.63 -15.33 -16.46
CA GLU D 4 -34.10 -16.68 -16.61
C GLU D 4 -34.22 -17.43 -15.30
N ILE D 5 -34.48 -18.73 -15.39
CA ILE D 5 -34.66 -19.55 -14.20
C ILE D 5 -33.31 -20.17 -13.83
N LEU D 6 -32.89 -19.97 -12.58
CA LEU D 6 -31.68 -20.61 -12.08
C LEU D 6 -32.09 -21.96 -11.49
N ASN D 7 -31.81 -23.02 -12.24
CA ASN D 7 -32.35 -24.34 -11.92
C ASN D 7 -31.37 -25.05 -11.00
N GLY D 8 -31.59 -24.92 -9.69
CA GLY D 8 -30.74 -25.57 -8.72
C GLY D 8 -30.79 -27.09 -8.80
N LYS D 9 -31.94 -27.65 -9.16
CA LYS D 9 -32.06 -29.10 -9.31
C LYS D 9 -31.11 -29.61 -10.38
N GLU D 10 -31.09 -28.95 -11.55
CA GLU D 10 -30.21 -29.35 -12.64
C GLU D 10 -28.73 -29.11 -12.30
N ILE D 11 -28.41 -27.91 -11.83
CA ILE D 11 -27.01 -27.56 -11.59
C ILE D 11 -26.41 -28.45 -10.50
N SER D 12 -27.14 -28.68 -9.43
CA SER D 12 -26.64 -29.57 -8.37
C SER D 12 -26.36 -30.96 -8.91
N ALA D 13 -27.18 -31.44 -9.86
CA ALA D 13 -26.93 -32.75 -10.45
C ALA D 13 -25.64 -32.78 -11.26
N GLN D 14 -25.32 -31.69 -11.99
CA GLN D 14 -24.03 -31.60 -12.67
C GLN D 14 -22.88 -31.64 -11.68
N ILE D 15 -23.01 -30.94 -10.55
CA ILE D 15 -21.97 -30.97 -9.53
C ILE D 15 -21.85 -32.37 -8.94
N ARG D 16 -22.98 -32.96 -8.55
CA ARG D 16 -22.96 -34.30 -7.97
C ARG D 16 -22.36 -35.31 -8.93
N ALA D 17 -22.59 -35.14 -10.23
CA ALA D 17 -21.97 -36.03 -11.20
C ALA D 17 -20.45 -35.87 -11.21
N ARG D 18 -19.97 -34.64 -11.24
CA ARG D 18 -18.51 -34.38 -11.21
C ARG D 18 -17.90 -35.00 -9.95
N LEU D 19 -18.49 -34.75 -8.77
CA LEU D 19 -17.95 -35.35 -7.55
C LEU D 19 -17.94 -36.88 -7.64
N LYS D 20 -18.98 -37.46 -8.25
CA LYS D 20 -19.05 -38.91 -8.37
C LYS D 20 -17.88 -39.47 -9.17
N ASN D 21 -17.54 -38.83 -10.28
CA ASN D 21 -16.31 -39.19 -10.97
C ASN D 21 -15.09 -38.92 -10.10
N GLN D 22 -15.08 -37.79 -9.40
CA GLN D 22 -13.96 -37.48 -8.53
C GLN D 22 -13.76 -38.56 -7.46
N VAL D 23 -14.84 -39.08 -6.89
CA VAL D 23 -14.68 -40.14 -5.89
C VAL D 23 -14.25 -41.43 -6.55
N THR D 24 -14.70 -41.69 -7.78
CA THR D 24 -14.29 -42.91 -8.46
C THR D 24 -12.79 -42.90 -8.76
N GLN D 25 -12.30 -41.81 -9.37
CA GLN D 25 -10.86 -41.71 -9.63
C GLN D 25 -10.09 -41.73 -8.33
N LEU D 26 -10.60 -41.01 -7.32
CA LEU D 26 -10.01 -41.09 -5.98
C LEU D 26 -9.98 -42.53 -5.48
N LYS D 27 -11.09 -43.26 -5.66
CA LYS D 27 -11.15 -44.65 -5.20
C LYS D 27 -10.18 -45.53 -5.98
N GLU D 28 -10.22 -45.50 -7.31
CA GLU D 28 -9.38 -46.37 -8.10
C GLU D 28 -7.90 -45.98 -8.04
N GLN D 29 -7.57 -44.82 -7.45
CA GLN D 29 -6.18 -44.41 -7.25
C GLN D 29 -5.65 -44.76 -5.87
N VAL D 30 -6.54 -44.81 -4.88
CA VAL D 30 -6.15 -45.28 -3.53
C VAL D 30 -7.12 -46.41 -3.19
N PRO D 31 -6.75 -47.67 -3.43
CA PRO D 31 -7.65 -48.80 -3.22
C PRO D 31 -8.37 -48.83 -1.86
N GLY D 32 -9.70 -48.74 -1.89
CA GLY D 32 -10.49 -48.80 -0.64
C GLY D 32 -10.82 -47.42 -0.10
N PHE D 33 -9.94 -46.44 -0.32
CA PHE D 33 -10.16 -45.12 0.31
C PHE D 33 -11.48 -44.53 -0.16
N THR D 34 -12.33 -44.20 0.81
CA THR D 34 -13.58 -43.55 0.48
C THR D 34 -13.78 -42.36 1.41
N PRO D 35 -14.41 -41.29 0.93
CA PRO D 35 -14.72 -40.15 1.80
C PRO D 35 -15.88 -40.50 2.72
N ARG D 36 -15.74 -40.13 4.00
CA ARG D 36 -16.70 -40.47 5.04
C ARG D 36 -17.21 -39.22 5.74
N LEU D 37 -18.52 -39.04 5.71
CA LEU D 37 -19.23 -37.96 6.39
C LEU D 37 -19.99 -38.54 7.59
N ALA D 38 -20.14 -37.72 8.62
CA ALA D 38 -20.94 -38.12 9.80
C ALA D 38 -21.85 -36.96 10.18
N ILE D 39 -23.15 -37.21 10.30
CA ILE D 39 -24.08 -36.19 10.73
C ILE D 39 -24.59 -36.54 12.11
N LEU D 40 -24.38 -35.64 13.08
CA LEU D 40 -24.88 -35.79 14.44
C LEU D 40 -26.16 -34.98 14.62
N GLN D 41 -27.20 -35.60 15.20
CA GLN D 41 -28.46 -34.90 15.46
C GLN D 41 -28.89 -35.08 16.90
N VAL D 42 -29.39 -34.01 17.52
CA VAL D 42 -29.97 -34.05 18.85
C VAL D 42 -31.48 -33.85 18.71
N GLY D 43 -32.25 -34.78 19.25
CA GLY D 43 -33.70 -34.70 19.17
C GLY D 43 -34.27 -35.36 17.94
N ASN D 44 -35.52 -34.99 17.64
CA ASN D 44 -36.30 -35.67 16.61
C ASN D 44 -37.19 -34.70 15.84
N ARG D 45 -36.67 -33.53 15.47
CA ARG D 45 -37.46 -32.63 14.62
C ARG D 45 -37.72 -33.25 13.25
N ASP D 46 -38.95 -33.10 12.77
CA ASP D 46 -39.30 -33.62 11.46
C ASP D 46 -38.52 -32.92 10.34
N ASP D 47 -38.36 -31.60 10.42
CA ASP D 47 -37.65 -30.89 9.35
C ASP D 47 -36.20 -31.34 9.27
N SER D 48 -35.53 -31.48 10.43
CA SER D 48 -34.16 -31.98 10.43
C SER D 48 -34.10 -33.42 9.95
N ASN D 49 -35.12 -34.24 10.25
CA ASN D 49 -35.14 -35.61 9.75
C ASN D 49 -35.16 -35.62 8.22
N LEU D 50 -35.99 -34.77 7.62
CA LEU D 50 -36.08 -34.70 6.17
C LEU D 50 -34.78 -34.21 5.55
N TYR D 51 -34.21 -33.11 6.09
CA TYR D 51 -33.01 -32.54 5.49
C TYR D 51 -31.84 -33.49 5.62
N ILE D 52 -31.69 -34.12 6.78
CA ILE D 52 -30.61 -35.09 6.99
C ILE D 52 -30.77 -36.26 6.02
N ASN D 53 -32.01 -36.69 5.76
CA ASN D 53 -32.22 -37.78 4.81
C ASN D 53 -31.83 -37.37 3.40
N VAL D 54 -32.14 -36.14 3.01
CA VAL D 54 -31.75 -35.64 1.69
C VAL D 54 -30.23 -35.64 1.56
N LYS D 55 -29.53 -35.22 2.61
CA LYS D 55 -28.08 -35.24 2.55
C LYS D 55 -27.55 -36.67 2.49
N LEU D 56 -28.17 -37.58 3.25
CA LEU D 56 -27.73 -38.97 3.25
C LEU D 56 -27.85 -39.57 1.87
N LYS D 57 -28.92 -39.26 1.15
CA LYS D 57 -29.10 -39.81 -0.19
C LYS D 57 -27.99 -39.35 -1.11
N ALA D 58 -27.79 -38.03 -1.18
CA ALA D 58 -26.79 -37.46 -2.08
C ALA D 58 -25.43 -38.08 -1.85
N ALA D 59 -25.07 -38.31 -0.58
CA ALA D 59 -23.80 -38.97 -0.31
C ALA D 59 -23.76 -40.36 -0.92
N GLU D 60 -24.88 -41.09 -0.89
CA GLU D 60 -24.91 -42.44 -1.45
C GLU D 60 -24.81 -42.43 -2.98
N GLU D 61 -25.46 -41.46 -3.61
CA GLU D 61 -25.37 -41.32 -5.05
C GLU D 61 -23.93 -41.04 -5.49
N ILE D 62 -23.19 -40.24 -4.71
CA ILE D 62 -21.84 -39.84 -5.13
C ILE D 62 -20.80 -40.91 -4.79
N GLY D 63 -21.02 -41.69 -3.74
CA GLY D 63 -20.01 -42.60 -3.24
C GLY D 63 -19.37 -42.19 -1.92
N ILE D 64 -19.89 -41.17 -1.24
CA ILE D 64 -19.44 -40.80 0.09
C ILE D 64 -20.19 -41.65 1.10
N LYS D 65 -19.47 -42.27 2.04
CA LYS D 65 -20.10 -43.06 3.09
C LYS D 65 -20.57 -42.14 4.21
N ALA D 66 -21.87 -42.06 4.43
CA ALA D 66 -22.44 -41.12 5.40
C ALA D 66 -23.09 -41.89 6.54
N THR D 67 -22.68 -41.59 7.77
CA THR D 67 -23.25 -42.17 8.99
C THR D 67 -24.07 -41.11 9.72
N HIS D 68 -25.31 -41.44 10.05
CA HIS D 68 -26.17 -40.53 10.79
C HIS D 68 -26.33 -41.07 12.21
N ILE D 69 -25.99 -40.24 13.20
CA ILE D 69 -26.12 -40.57 14.62
C ILE D 69 -27.13 -39.63 15.23
N LYS D 70 -28.20 -40.19 15.80
CA LYS D 70 -29.35 -39.41 16.29
C LYS D 70 -29.47 -39.64 17.79
N LEU D 71 -29.10 -38.63 18.60
CA LEU D 71 -29.28 -38.67 20.04
C LEU D 71 -30.69 -38.21 20.41
N PRO D 72 -31.19 -38.61 21.58
CA PRO D 72 -32.56 -38.25 21.97
C PRO D 72 -32.64 -36.85 22.57
N ARG D 73 -33.88 -36.39 22.73
CA ARG D 73 -34.11 -35.06 23.31
C ARG D 73 -33.50 -34.91 24.69
N THR D 74 -33.39 -35.99 25.44
CA THR D 74 -32.92 -35.86 26.85
C THR D 74 -31.39 -35.92 26.93
N THR D 75 -30.67 -35.75 25.82
CA THR D 75 -29.20 -35.83 25.97
C THR D 75 -28.68 -34.66 26.77
N THR D 76 -27.53 -34.85 27.39
CA THR D 76 -26.89 -33.78 28.14
C THR D 76 -25.81 -33.13 27.28
N GLU D 77 -25.40 -31.91 27.62
CA GLU D 77 -24.29 -31.29 26.92
C GLU D 77 -23.04 -32.15 27.01
N SER D 78 -22.78 -32.75 28.18
CA SER D 78 -21.62 -33.61 28.33
C SER D 78 -21.68 -34.80 27.39
N GLU D 79 -22.88 -35.32 27.12
CA GLU D 79 -22.98 -36.49 26.25
C GLU D 79 -22.73 -36.14 24.79
N VAL D 80 -23.26 -35.00 24.32
CA VAL D 80 -22.95 -34.58 22.95
C VAL D 80 -21.46 -34.36 22.79
N MET D 81 -20.83 -33.76 23.81
CA MET D 81 -19.40 -33.50 23.77
C MET D 81 -18.59 -34.77 23.65
N LYS D 82 -19.03 -35.85 24.31
CA LYS D 82 -18.35 -37.13 24.15
C LYS D 82 -18.42 -37.60 22.70
N TYR D 83 -19.57 -37.41 22.07
CA TYR D 83 -19.71 -37.82 20.67
C TYR D 83 -18.89 -36.94 19.72
N ILE D 84 -18.78 -35.65 20.04
CA ILE D 84 -17.97 -34.75 19.22
C ILE D 84 -16.49 -35.09 19.38
N THR D 85 -16.05 -35.28 20.62
CA THR D 85 -14.67 -35.69 20.87
C THR D 85 -14.35 -36.99 20.14
N SER D 86 -15.29 -37.93 20.15
CA SER D 86 -15.08 -39.20 19.46
C SER D 86 -14.96 -39.00 17.95
N LEU D 87 -15.84 -38.18 17.37
CA LEU D 87 -15.81 -37.95 15.92
C LEU D 87 -14.55 -37.17 15.50
N ASN D 88 -14.10 -36.20 16.31
CA ASN D 88 -12.84 -35.53 16.03
C ASN D 88 -11.70 -36.53 15.92
N GLU D 89 -11.67 -37.52 16.81
CA GLU D 89 -10.57 -38.47 16.91
C GLU D 89 -10.70 -39.67 15.98
N ASP D 90 -11.85 -39.87 15.34
CA ASP D 90 -12.03 -40.99 14.41
C ASP D 90 -11.35 -40.65 13.10
N SER D 91 -10.14 -41.18 12.90
CA SER D 91 -9.37 -40.84 11.71
C SER D 91 -10.07 -41.26 10.42
N THR D 92 -11.04 -42.17 10.49
CA THR D 92 -11.80 -42.53 9.30
C THR D 92 -12.82 -41.46 8.89
N VAL D 93 -13.28 -40.63 9.84
CA VAL D 93 -14.29 -39.58 9.52
C VAL D 93 -13.57 -38.34 9.00
N HIS D 94 -13.85 -37.92 7.77
CA HIS D 94 -13.12 -36.80 7.15
C HIS D 94 -13.83 -35.47 7.46
N GLY D 95 -15.13 -35.49 7.67
CA GLY D 95 -15.88 -34.31 8.00
C GLY D 95 -17.17 -34.69 8.70
N PHE D 96 -17.62 -33.83 9.61
CA PHE D 96 -18.88 -34.11 10.26
C PHE D 96 -19.54 -32.80 10.64
N LEU D 97 -20.87 -32.84 10.72
CA LEU D 97 -21.64 -31.65 11.01
C LEU D 97 -22.69 -32.01 12.06
N VAL D 98 -23.05 -31.02 12.87
CA VAL D 98 -24.14 -31.16 13.83
C VAL D 98 -25.32 -30.45 13.22
N GLN D 99 -26.38 -31.20 12.90
CA GLN D 99 -27.56 -30.56 12.33
C GLN D 99 -28.16 -29.61 13.35
N LEU D 100 -28.60 -28.45 12.88
CA LEU D 100 -29.08 -27.39 13.75
C LEU D 100 -30.52 -27.07 13.39
N PRO D 101 -31.33 -26.65 14.37
CA PRO D 101 -31.00 -26.46 15.80
C PRO D 101 -31.04 -27.74 16.63
N LEU D 102 -30.30 -27.80 17.75
CA LEU D 102 -30.44 -28.89 18.68
C LEU D 102 -31.84 -28.88 19.30
N ASP D 103 -32.51 -30.02 19.27
CA ASP D 103 -33.85 -30.15 19.85
C ASP D 103 -33.67 -30.92 21.16
N SER D 104 -33.49 -30.20 22.25
CA SER D 104 -33.09 -30.80 23.52
C SER D 104 -33.98 -30.29 24.64
N GLU D 105 -34.41 -31.22 25.50
CA GLU D 105 -35.12 -30.82 26.71
C GLU D 105 -34.20 -30.06 27.65
N ASN D 106 -32.93 -30.47 27.74
CA ASN D 106 -31.97 -29.83 28.62
C ASN D 106 -31.42 -28.55 27.96
N SER D 107 -30.72 -27.75 28.77
CA SER D 107 -30.08 -26.53 28.27
C SER D 107 -28.72 -26.94 27.72
N ILE D 108 -28.61 -26.97 26.39
CA ILE D 108 -27.37 -27.33 25.73
C ILE D 108 -26.87 -26.08 25.00
N ASN D 109 -25.65 -25.65 25.31
CA ASN D 109 -25.06 -24.47 24.71
C ASN D 109 -24.62 -24.81 23.28
N THR D 110 -25.40 -24.36 22.29
CA THR D 110 -25.10 -24.72 20.90
C THR D 110 -23.72 -24.22 20.49
N GLU D 111 -23.36 -23.01 20.93
CA GLU D 111 -22.05 -22.44 20.60
C GLU D 111 -20.94 -23.30 21.16
N GLU D 112 -21.06 -23.73 22.41
CA GLU D 112 -20.09 -24.64 23.00
C GLU D 112 -19.95 -25.90 22.16
N VAL D 113 -21.08 -26.49 21.77
CA VAL D 113 -21.06 -27.77 21.06
C VAL D 113 -20.44 -27.60 19.69
N ILE D 114 -20.86 -26.57 18.95
CA ILE D 114 -20.36 -26.37 17.60
C ILE D 114 -18.85 -26.12 17.61
N ASN D 115 -18.38 -25.34 18.58
CA ASN D 115 -16.97 -24.99 18.61
C ASN D 115 -16.06 -26.08 19.19
N ALA D 116 -16.63 -27.22 19.57
CA ALA D 116 -15.81 -28.39 19.87
C ALA D 116 -15.42 -29.16 18.62
N ILE D 117 -15.99 -28.82 17.47
CA ILE D 117 -15.69 -29.50 16.21
C ILE D 117 -14.30 -29.06 15.74
N ALA D 118 -13.45 -30.03 15.44
CA ALA D 118 -12.13 -29.69 14.91
C ALA D 118 -12.29 -28.98 13.57
N PRO D 119 -11.70 -27.79 13.38
CA PRO D 119 -11.97 -27.02 12.15
C PRO D 119 -11.64 -27.77 10.88
N GLU D 120 -10.64 -28.66 10.90
CA GLU D 120 -10.30 -29.43 9.70
C GLU D 120 -11.40 -30.38 9.26
N LYS D 121 -12.39 -30.66 10.12
CA LYS D 121 -13.51 -31.57 9.78
C LYS D 121 -14.83 -30.79 9.75
N ASP D 122 -14.78 -29.47 9.90
CA ASP D 122 -15.98 -28.65 10.04
C ASP D 122 -16.56 -28.30 8.66
N VAL D 123 -16.98 -29.33 7.93
CA VAL D 123 -17.42 -29.15 6.54
C VAL D 123 -18.67 -28.27 6.41
N ASP D 124 -19.40 -28.05 7.49
CA ASP D 124 -20.47 -27.07 7.47
C ASP D 124 -19.99 -25.66 7.80
N GLY D 125 -18.77 -25.51 8.28
CA GLY D 125 -18.20 -24.19 8.54
C GLY D 125 -18.91 -23.40 9.61
N LEU D 126 -19.35 -24.06 10.67
CA LEU D 126 -20.08 -23.37 11.71
C LEU D 126 -19.19 -22.96 12.89
N THR D 127 -17.96 -23.49 12.96
CA THR D 127 -17.05 -23.12 14.04
C THR D 127 -16.68 -21.64 13.94
N SER D 128 -16.36 -21.05 15.09
CA SER D 128 -15.89 -19.66 15.11
C SER D 128 -14.60 -19.49 14.31
N ILE D 129 -13.73 -20.51 14.34
CA ILE D 129 -12.46 -20.44 13.63
C ILE D 129 -12.69 -20.28 12.13
N ASN D 130 -13.57 -21.12 11.56
CA ASN D 130 -13.81 -21.02 10.12
C ASN D 130 -14.57 -19.75 9.77
N ALA D 131 -15.47 -19.31 10.65
CA ALA D 131 -16.21 -18.08 10.44
C ALA D 131 -15.29 -16.87 10.47
N GLY D 132 -14.32 -16.85 11.40
CA GLY D 132 -13.42 -15.71 11.50
C GLY D 132 -12.48 -15.61 10.33
N ARG D 133 -12.10 -16.77 9.76
CA ARG D 133 -11.28 -16.77 8.55
C ARG D 133 -12.08 -16.27 7.36
N LEU D 134 -13.36 -16.61 7.28
CA LEU D 134 -14.18 -16.14 6.16
C LEU D 134 -14.48 -14.65 6.29
N ALA D 135 -14.84 -14.22 7.50
CA ALA D 135 -15.19 -12.84 7.75
C ALA D 135 -14.00 -11.88 7.62
N ARG D 136 -12.77 -12.39 7.66
CA ARG D 136 -11.61 -11.53 7.51
C ARG D 136 -10.92 -11.74 6.18
N GLY D 137 -11.54 -12.46 5.26
CA GLY D 137 -11.06 -12.59 3.89
C GLY D 137 -10.09 -13.71 3.63
N ASP D 138 -9.75 -14.51 4.63
CA ASP D 138 -8.82 -15.62 4.44
C ASP D 138 -9.61 -16.85 3.99
N LEU D 139 -10.09 -16.79 2.74
CA LEU D 139 -11.00 -17.77 2.17
C LEU D 139 -10.32 -19.04 1.70
N ASN D 140 -9.02 -19.22 1.96
CA ASN D 140 -8.29 -20.33 1.35
C ASN D 140 -7.97 -21.47 2.31
N ASP D 141 -8.04 -21.24 3.61
CA ASP D 141 -7.86 -22.30 4.60
C ASP D 141 -9.10 -22.42 5.48
N CYS D 142 -10.28 -22.35 4.87
CA CYS D 142 -11.48 -22.40 5.70
C CYS D 142 -12.62 -23.07 4.94
N PHE D 143 -13.51 -23.69 5.70
CA PHE D 143 -14.74 -24.23 5.16
C PHE D 143 -15.80 -23.11 5.16
N ILE D 144 -16.40 -22.88 4.00
CA ILE D 144 -17.46 -21.89 3.81
C ILE D 144 -18.81 -22.58 4.01
N PRO D 145 -19.75 -22.00 4.76
CA PRO D 145 -21.04 -22.67 4.95
C PRO D 145 -21.73 -22.98 3.62
N CYS D 146 -22.43 -24.11 3.60
CA CYS D 146 -22.87 -24.75 2.37
C CYS D 146 -23.92 -23.93 1.63
N THR D 147 -24.86 -23.31 2.35
CA THR D 147 -25.84 -22.50 1.63
C THR D 147 -25.20 -21.30 0.95
N PRO D 148 -24.37 -20.48 1.62
CA PRO D 148 -23.69 -19.40 0.87
C PRO D 148 -22.87 -19.90 -0.31
N LYS D 149 -22.13 -21.01 -0.14
CA LYS D 149 -21.42 -21.61 -1.28
C LYS D 149 -22.36 -21.88 -2.44
N GLY D 150 -23.52 -22.51 -2.17
CA GLY D 150 -24.45 -22.84 -3.23
C GLY D 150 -24.98 -21.59 -3.91
N CYS D 151 -25.41 -20.61 -3.11
CA CYS D 151 -25.80 -19.31 -3.67
C CYS D 151 -24.71 -18.76 -4.59
N LEU D 152 -23.45 -18.78 -4.15
CA LEU D 152 -22.38 -18.20 -4.96
C LEU D 152 -22.26 -18.90 -6.31
N GLU D 153 -22.33 -20.23 -6.32
CA GLU D 153 -22.27 -20.98 -7.58
C GLU D 153 -23.44 -20.63 -8.48
N LEU D 154 -24.61 -20.37 -7.89
CA LEU D 154 -25.76 -19.97 -8.67
C LEU D 154 -25.51 -18.63 -9.36
N ILE D 155 -24.98 -17.65 -8.61
CA ILE D 155 -24.73 -16.34 -9.19
C ILE D 155 -23.70 -16.43 -10.30
N LYS D 156 -22.64 -17.22 -10.09
CA LYS D 156 -21.64 -17.39 -11.13
C LYS D 156 -22.20 -18.09 -12.35
N GLU D 157 -23.25 -18.89 -12.16
CA GLU D 157 -23.87 -19.56 -13.29
C GLU D 157 -24.48 -18.54 -14.26
N THR D 158 -24.83 -17.35 -13.77
CA THR D 158 -25.39 -16.31 -14.65
C THR D 158 -24.37 -15.83 -15.68
N GLY D 159 -23.09 -15.91 -15.37
CA GLY D 159 -22.08 -15.29 -16.19
C GLY D 159 -21.86 -13.82 -15.92
N VAL D 160 -22.66 -13.19 -15.05
CA VAL D 160 -22.45 -11.79 -14.67
C VAL D 160 -21.34 -11.70 -13.63
N PRO D 161 -20.26 -10.97 -13.91
CA PRO D 161 -19.18 -10.86 -12.91
C PRO D 161 -19.66 -10.16 -11.65
N ILE D 162 -19.18 -10.64 -10.50
CA ILE D 162 -19.60 -10.07 -9.22
C ILE D 162 -18.89 -8.76 -8.93
N ALA D 163 -17.61 -8.68 -9.29
CA ALA D 163 -16.76 -7.55 -8.91
C ALA D 163 -17.41 -6.22 -9.25
N GLY D 164 -17.65 -5.41 -8.24
CA GLY D 164 -18.13 -4.06 -8.42
C GLY D 164 -19.63 -3.90 -8.46
N ARG D 165 -20.38 -4.99 -8.55
CA ARG D 165 -21.83 -4.91 -8.40
C ARG D 165 -22.16 -4.61 -6.94
N HIS D 166 -23.35 -4.05 -6.73
CA HIS D 166 -23.87 -3.85 -5.38
C HIS D 166 -24.78 -5.03 -5.05
N ALA D 167 -24.43 -5.75 -3.99
CA ALA D 167 -25.22 -6.88 -3.53
C ALA D 167 -25.96 -6.50 -2.25
N VAL D 168 -27.22 -6.92 -2.15
CA VAL D 168 -27.99 -6.76 -0.92
C VAL D 168 -28.30 -8.16 -0.37
N VAL D 169 -27.95 -8.38 0.90
CA VAL D 169 -28.26 -9.61 1.62
C VAL D 169 -29.26 -9.24 2.70
N VAL D 170 -30.40 -9.93 2.72
CA VAL D 170 -31.45 -9.69 3.72
C VAL D 170 -31.42 -10.87 4.68
N GLY D 171 -31.10 -10.61 5.94
CA GLY D 171 -30.88 -11.65 6.91
C GLY D 171 -29.41 -11.78 7.28
N ARG D 172 -29.17 -12.17 8.52
CA ARG D 172 -27.80 -12.22 9.03
C ARG D 172 -27.58 -13.44 9.88
N SER D 173 -28.33 -14.51 9.63
CA SER D 173 -28.22 -15.71 10.44
C SER D 173 -26.81 -16.28 10.36
N LYS D 174 -26.46 -17.03 11.42
CA LYS D 174 -25.14 -17.63 11.57
C LYS D 174 -24.80 -18.56 10.41
N ILE D 175 -25.80 -19.11 9.75
CA ILE D 175 -25.58 -20.18 8.80
C ILE D 175 -25.86 -19.77 7.37
N VAL D 176 -26.65 -18.71 7.14
CA VAL D 176 -26.89 -18.27 5.78
C VAL D 176 -26.52 -16.80 5.55
N GLY D 177 -27.21 -15.88 6.24
CA GLY D 177 -27.07 -14.47 5.89
C GLY D 177 -25.68 -13.92 6.17
N ALA D 178 -25.18 -14.10 7.39
CA ALA D 178 -23.90 -13.51 7.78
C ALA D 178 -22.74 -14.05 6.95
N PRO D 179 -22.58 -15.37 6.74
CA PRO D 179 -21.54 -15.81 5.80
C PRO D 179 -21.81 -15.41 4.37
N MET D 180 -23.06 -15.21 3.96
CA MET D 180 -23.30 -14.79 2.57
C MET D 180 -22.74 -13.38 2.33
N HIS D 181 -22.90 -12.50 3.32
CA HIS D 181 -22.27 -11.18 3.24
C HIS D 181 -20.78 -11.28 2.96
N ASP D 182 -20.06 -12.06 3.77
CA ASP D 182 -18.62 -12.18 3.60
C ASP D 182 -18.26 -12.74 2.23
N LEU D 183 -18.94 -13.82 1.85
CA LEU D 183 -18.63 -14.47 0.58
C LEU D 183 -18.75 -13.48 -0.57
N LEU D 184 -19.76 -12.61 -0.51
CA LEU D 184 -19.94 -11.66 -1.59
C LEU D 184 -18.91 -10.53 -1.51
N LEU D 185 -18.61 -10.08 -0.29
CA LEU D 185 -17.65 -9.01 -0.08
C LEU D 185 -16.29 -9.37 -0.67
N TRP D 186 -15.78 -10.55 -0.31
CA TRP D 186 -14.46 -10.99 -0.72
C TRP D 186 -14.44 -11.50 -2.15
N ASN D 187 -15.58 -11.49 -2.83
CA ASN D 187 -15.66 -11.52 -4.29
C ASN D 187 -15.80 -10.11 -4.88
N ASN D 188 -15.57 -9.08 -4.06
CA ASN D 188 -15.45 -7.69 -4.48
C ASN D 188 -16.78 -7.09 -4.95
N ALA D 189 -17.89 -7.65 -4.49
CA ALA D 189 -19.14 -6.89 -4.42
C ALA D 189 -19.07 -5.85 -3.31
N THR D 190 -19.83 -4.76 -3.50
CA THR D 190 -20.15 -3.82 -2.44
C THR D 190 -21.45 -4.30 -1.78
N VAL D 191 -21.42 -4.54 -0.46
CA VAL D 191 -22.46 -5.36 0.15
C VAL D 191 -23.18 -4.61 1.26
N THR D 192 -24.50 -4.50 1.11
CA THR D 192 -25.40 -4.03 2.16
C THR D 192 -26.03 -5.24 2.85
N THR D 193 -26.01 -5.25 4.17
CA THR D 193 -26.69 -6.27 4.95
C THR D 193 -27.91 -5.65 5.60
N CYS D 194 -29.08 -6.24 5.35
CA CYS D 194 -30.35 -5.84 5.94
C CYS D 194 -30.84 -6.91 6.92
N HIS D 195 -31.76 -6.52 7.78
CA HIS D 195 -32.28 -7.41 8.81
C HIS D 195 -33.61 -6.85 9.31
N SER D 196 -34.11 -7.42 10.42
CA SER D 196 -35.42 -7.05 10.92
C SER D 196 -35.47 -5.61 11.41
N LYS D 197 -34.34 -4.99 11.76
CA LYS D 197 -34.33 -3.60 12.21
C LYS D 197 -34.07 -2.61 11.07
N THR D 198 -34.02 -3.08 9.84
CA THR D 198 -33.80 -2.22 8.68
C THR D 198 -35.06 -1.41 8.38
N ALA D 199 -34.91 -0.08 8.34
CA ALA D 199 -35.99 0.77 7.89
C ALA D 199 -35.97 0.82 6.37
N HIS D 200 -37.15 1.06 5.78
CA HIS D 200 -37.30 1.22 4.33
C HIS D 200 -36.67 0.07 3.55
N LEU D 201 -36.96 -1.16 3.98
CA LEU D 201 -36.38 -2.35 3.35
C LEU D 201 -36.66 -2.41 1.85
N ASP D 202 -37.79 -1.86 1.46
CA ASP D 202 -38.18 -1.77 0.04
C ASP D 202 -37.06 -1.05 -0.73
N GLU D 203 -36.72 0.15 -0.27
CA GLU D 203 -35.67 0.96 -0.92
C GLU D 203 -34.33 0.21 -0.92
N GLU D 204 -33.94 -0.32 0.23
CA GLU D 204 -32.66 -1.02 0.35
C GLU D 204 -32.56 -2.15 -0.67
N VAL D 205 -33.61 -2.96 -0.76
CA VAL D 205 -33.62 -4.08 -1.72
C VAL D 205 -33.50 -3.56 -3.16
N ASN D 206 -34.02 -2.37 -3.42
CA ASN D 206 -33.99 -1.83 -4.78
C ASN D 206 -32.59 -1.44 -5.23
N LYS D 207 -31.61 -1.45 -4.32
CA LYS D 207 -30.22 -1.15 -4.64
C LYS D 207 -29.45 -2.36 -5.15
N GLY D 208 -30.02 -3.57 -5.03
CA GLY D 208 -29.25 -4.76 -5.28
C GLY D 208 -29.17 -5.22 -6.73
N ASP D 209 -28.01 -5.03 -7.36
CA ASP D 209 -27.70 -5.78 -8.58
C ASP D 209 -27.78 -7.27 -8.32
N ILE D 210 -27.37 -7.69 -7.12
CA ILE D 210 -27.43 -9.05 -6.64
C ILE D 210 -28.22 -9.03 -5.34
N LEU D 211 -29.18 -9.94 -5.21
CA LEU D 211 -30.07 -9.96 -4.05
C LEU D 211 -30.17 -11.39 -3.56
N VAL D 212 -29.76 -11.62 -2.31
CA VAL D 212 -29.90 -12.91 -1.65
C VAL D 212 -30.81 -12.69 -0.46
N VAL D 213 -31.90 -13.45 -0.40
CA VAL D 213 -32.95 -13.28 0.62
C VAL D 213 -32.97 -14.54 1.48
N ALA D 214 -32.81 -14.34 2.79
CA ALA D 214 -32.65 -15.40 3.77
C ALA D 214 -33.39 -15.01 5.07
N THR D 215 -34.68 -14.70 4.95
CA THR D 215 -35.44 -14.18 6.08
C THR D 215 -36.21 -15.23 6.87
N GLY D 216 -36.73 -16.26 6.20
CA GLY D 216 -37.68 -17.14 6.84
C GLY D 216 -39.09 -16.61 6.88
N GLN D 217 -39.39 -15.57 6.13
CA GLN D 217 -40.69 -14.91 6.14
C GLN D 217 -41.33 -15.07 4.78
N PRO D 218 -42.35 -15.92 4.65
CA PRO D 218 -42.80 -16.32 3.31
C PRO D 218 -43.20 -15.14 2.44
N GLU D 219 -42.66 -15.11 1.22
CA GLU D 219 -42.93 -14.13 0.18
C GLU D 219 -43.03 -12.69 0.67
N MET D 220 -42.17 -12.28 1.61
CA MET D 220 -42.23 -10.89 2.07
C MET D 220 -41.57 -9.93 1.08
N VAL D 221 -40.47 -10.33 0.45
CA VAL D 221 -39.78 -9.43 -0.47
C VAL D 221 -40.56 -9.43 -1.79
N LYS D 222 -41.01 -8.26 -2.20
CA LYS D 222 -41.98 -8.10 -3.27
C LYS D 222 -41.31 -7.79 -4.60
N GLY D 223 -41.96 -8.22 -5.69
CA GLY D 223 -41.39 -8.02 -7.02
C GLY D 223 -41.15 -6.56 -7.33
N GLU D 224 -42.05 -5.67 -6.88
CA GLU D 224 -41.85 -4.24 -7.12
C GLU D 224 -40.64 -3.69 -6.37
N TRP D 225 -40.15 -4.40 -5.35
CA TRP D 225 -38.92 -3.97 -4.67
C TRP D 225 -37.68 -4.27 -5.52
N ILE D 226 -37.72 -5.34 -6.30
CA ILE D 226 -36.54 -5.79 -7.03
C ILE D 226 -36.09 -4.72 -8.02
N LYS D 227 -34.79 -4.44 -8.03
CA LYS D 227 -34.20 -3.59 -9.05
C LYS D 227 -34.35 -4.28 -10.40
N PRO D 228 -34.79 -3.58 -11.44
CA PRO D 228 -34.88 -4.23 -12.76
C PRO D 228 -33.57 -4.88 -13.15
N GLY D 229 -33.63 -6.14 -13.54
CA GLY D 229 -32.44 -6.86 -13.94
C GLY D 229 -31.64 -7.46 -12.81
N ALA D 230 -32.13 -7.43 -11.58
CA ALA D 230 -31.38 -8.00 -10.46
C ALA D 230 -31.19 -9.51 -10.63
N ILE D 231 -30.12 -10.02 -10.04
CA ILE D 231 -29.95 -11.47 -9.84
C ILE D 231 -30.55 -11.79 -8.49
N VAL D 232 -31.59 -12.63 -8.46
CA VAL D 232 -32.38 -12.84 -7.25
C VAL D 232 -32.15 -14.26 -6.76
N ILE D 233 -31.64 -14.39 -5.54
CA ILE D 233 -31.33 -15.69 -4.94
C ILE D 233 -32.23 -15.85 -3.74
N ASP D 234 -33.11 -16.85 -3.78
CA ASP D 234 -34.12 -17.06 -2.74
C ASP D 234 -33.74 -18.28 -1.91
N CYS D 235 -33.29 -18.04 -0.68
CA CYS D 235 -32.95 -19.13 0.23
C CYS D 235 -34.16 -19.68 0.97
N GLY D 236 -35.34 -19.08 0.78
CA GLY D 236 -36.47 -19.42 1.63
C GLY D 236 -37.01 -20.82 1.34
N ILE D 237 -37.33 -21.54 2.42
CA ILE D 237 -38.06 -22.80 2.35
C ILE D 237 -39.15 -22.69 3.42
N ASN D 238 -40.33 -22.21 3.03
CA ASN D 238 -41.43 -21.97 3.97
C ASN D 238 -42.61 -22.87 3.63
N TYR D 239 -43.08 -23.61 4.63
CA TYR D 239 -44.26 -24.49 4.45
C TYR D 239 -45.52 -23.68 4.72
N VAL D 240 -46.34 -23.46 3.69
CA VAL D 240 -47.53 -22.59 3.82
C VAL D 240 -48.76 -23.35 3.32
N PRO D 241 -50.00 -22.83 3.53
CA PRO D 241 -51.22 -23.48 3.04
C PRO D 241 -51.12 -24.00 1.60
N LYS D 250 -47.66 -26.79 1.00
CA LYS D 250 -47.06 -25.93 -0.02
C LYS D 250 -45.80 -25.21 0.49
N VAL D 251 -44.72 -25.27 -0.29
CA VAL D 251 -43.46 -24.61 0.05
C VAL D 251 -43.29 -23.39 -0.85
N VAL D 252 -43.03 -22.23 -0.22
CA VAL D 252 -42.76 -20.99 -0.94
C VAL D 252 -41.47 -20.38 -0.37
N GLY D 253 -40.85 -19.52 -1.18
CA GLY D 253 -39.65 -18.83 -0.77
C GLY D 253 -39.94 -17.56 0.00
N ASP D 254 -38.85 -16.83 0.29
CA ASP D 254 -38.94 -15.52 0.93
C ASP D 254 -39.18 -14.39 -0.06
N VAL D 255 -39.20 -14.69 -1.36
CA VAL D 255 -39.50 -13.72 -2.42
C VAL D 255 -40.84 -14.07 -3.06
N ALA D 256 -41.64 -13.03 -3.35
CA ALA D 256 -42.88 -13.16 -4.11
C ALA D 256 -42.53 -13.45 -5.56
N TYR D 257 -42.41 -14.73 -5.92
CA TYR D 257 -41.87 -15.16 -7.23
C TYR D 257 -42.59 -14.55 -8.44
N ASP D 258 -43.88 -14.81 -8.58
CA ASP D 258 -44.63 -14.32 -9.76
C ASP D 258 -44.19 -12.88 -10.06
N GLU D 259 -44.27 -11.99 -9.08
CA GLU D 259 -43.93 -10.61 -9.38
C GLU D 259 -42.45 -10.47 -9.71
N ALA D 260 -41.59 -11.04 -8.88
CA ALA D 260 -40.16 -10.87 -9.06
C ALA D 260 -39.66 -11.47 -10.37
N LYS D 261 -40.38 -12.43 -10.94
CA LYS D 261 -39.96 -13.00 -12.23
C LYS D 261 -40.03 -11.98 -13.36
N GLU D 262 -40.86 -10.94 -13.21
CA GLU D 262 -40.97 -9.91 -14.24
C GLU D 262 -39.77 -8.96 -14.21
N ARG D 263 -39.25 -8.67 -13.02
CA ARG D 263 -38.16 -7.69 -12.90
C ARG D 263 -36.80 -8.33 -13.14
N ALA D 264 -36.44 -9.33 -12.33
CA ALA D 264 -35.11 -9.90 -12.34
C ALA D 264 -34.72 -10.44 -13.71
N SER D 265 -33.41 -10.56 -13.92
CA SER D 265 -32.90 -11.25 -15.10
C SER D 265 -32.59 -12.70 -14.82
N PHE D 266 -32.26 -13.03 -13.58
CA PHE D 266 -32.05 -14.41 -13.16
C PHE D 266 -32.75 -14.59 -11.82
N ILE D 267 -33.45 -15.71 -11.66
CA ILE D 267 -34.18 -15.97 -10.43
C ILE D 267 -34.17 -17.46 -10.14
N THR D 268 -34.11 -17.79 -8.86
CA THR D 268 -34.14 -19.15 -8.31
C THR D 268 -35.58 -19.55 -7.96
N PRO D 269 -36.09 -20.66 -8.50
CA PRO D 269 -37.41 -21.14 -8.06
C PRO D 269 -37.32 -21.74 -6.67
N VAL D 270 -38.45 -21.73 -5.97
CA VAL D 270 -38.61 -22.45 -4.71
C VAL D 270 -39.80 -23.40 -4.81
N PRO D 271 -39.59 -24.72 -4.81
CA PRO D 271 -38.30 -25.44 -4.65
C PRO D 271 -37.50 -25.57 -5.94
N GLY D 272 -36.40 -26.32 -5.90
CA GLY D 272 -35.55 -26.51 -7.05
C GLY D 272 -34.49 -25.44 -7.24
N GLY D 273 -34.19 -24.66 -6.21
CA GLY D 273 -33.23 -23.57 -6.32
C GLY D 273 -32.02 -23.72 -5.44
N VAL D 274 -31.97 -22.93 -4.35
CA VAL D 274 -30.87 -23.01 -3.40
C VAL D 274 -30.80 -24.41 -2.79
N GLY D 275 -31.95 -24.94 -2.39
CA GLY D 275 -32.06 -26.21 -1.69
C GLY D 275 -31.15 -27.34 -2.15
N PRO D 276 -31.26 -27.74 -3.42
CA PRO D 276 -30.32 -28.76 -3.93
C PRO D 276 -28.85 -28.32 -3.90
N MET D 277 -28.60 -27.04 -4.12
CA MET D 277 -27.22 -26.53 -4.10
C MET D 277 -26.59 -26.72 -2.74
N THR D 278 -27.33 -26.42 -1.67
CA THR D 278 -26.80 -26.58 -0.31
C THR D 278 -26.29 -27.99 -0.07
N VAL D 279 -27.09 -28.99 -0.43
CA VAL D 279 -26.68 -30.39 -0.26
C VAL D 279 -25.46 -30.70 -1.12
N ALA D 280 -25.49 -30.26 -2.39
CA ALA D 280 -24.38 -30.53 -3.29
C ALA D 280 -23.08 -29.90 -2.77
N MET D 281 -23.19 -28.71 -2.19
CA MET D 281 -21.99 -28.01 -1.70
C MET D 281 -21.40 -28.77 -0.50
N LEU D 282 -22.27 -29.32 0.34
CA LEU D 282 -21.79 -30.10 1.49
C LEU D 282 -20.99 -31.31 1.02
N MET D 283 -21.49 -32.00 -0.01
CA MET D 283 -20.73 -33.10 -0.59
C MET D 283 -19.41 -32.61 -1.15
N GLN D 284 -19.42 -31.45 -1.82
CA GLN D 284 -18.16 -30.93 -2.36
C GLN D 284 -17.15 -30.67 -1.25
N SER D 285 -17.57 -30.04 -0.15
CA SER D 285 -16.67 -29.81 0.96
C SER D 285 -16.26 -31.12 1.62
N THR D 286 -17.14 -32.14 1.60
CA THR D 286 -16.77 -33.45 2.14
C THR D 286 -15.65 -34.07 1.33
N VAL D 287 -15.78 -34.06 0.00
CA VAL D 287 -14.74 -34.60 -0.86
C VAL D 287 -13.44 -33.85 -0.65
N GLU D 288 -13.55 -32.53 -0.56
CA GLU D 288 -12.35 -31.68 -0.38
C GLU D 288 -11.62 -32.13 0.89
N SER D 289 -12.36 -32.27 1.99
CA SER D 289 -11.70 -32.65 3.24
C SER D 289 -11.10 -34.05 3.14
N ALA D 290 -11.70 -34.91 2.31
CA ALA D 290 -11.10 -36.22 2.08
C ALA D 290 -9.77 -36.10 1.33
N LYS D 291 -9.66 -35.12 0.43
CA LYS D 291 -8.41 -34.94 -0.29
C LYS D 291 -7.32 -34.29 0.56
N ARG D 292 -7.70 -33.38 1.46
CA ARG D 292 -6.71 -32.85 2.40
C ARG D 292 -6.21 -33.93 3.34
N PHE D 293 -7.08 -34.88 3.71
CA PHE D 293 -6.68 -35.94 4.62
C PHE D 293 -5.58 -36.80 4.01
N LEU D 294 -5.69 -37.15 2.74
CA LEU D 294 -4.74 -38.05 2.09
C LEU D 294 -3.32 -37.49 2.07
N GLU D 295 -3.14 -36.25 2.52
CA GLU D 295 -1.84 -35.61 2.51
C GLU D 295 -1.47 -35.04 3.88
#